data_8G9P
#
_entry.id   8G9P
#
_cell.length_a   48.030
_cell.length_b   101.760
_cell.length_c   66.360
_cell.angle_alpha   90.000
_cell.angle_beta   91.040
_cell.angle_gamma   90.000
#
_symmetry.space_group_name_H-M   'P 1 21 1'
#
loop_
_entity.id
_entity.type
_entity.pdbx_description
1 polymer 'GTPase KRas'
2 polymer 'Peptidyl-prolyl cis-trans isomerase A'
3 non-polymer 'PHOSPHOAMINOPHOSPHONIC ACID-GUANYLATE ESTER'
4 non-polymer 'MAGNESIUM ION'
5 non-polymer 'CHLORIDE ION'
6 non-polymer '(2S)-2-{(5S)-7-[(2E)-4-(dimethylamino)-4-methylpent-2-enoyl]-1-oxo-2,7-diazaspiro[4.4]nonan-2-yl}-N-[(1P,8S,10R,14S,21M)-22-ethyl-21-{2-[(1S)-1-methoxyethyl]pyridin-3-yl}-18,18-dimethyl-9,15-dioxo-16-oxa-10,22,28-triazapentacyclo[18.5.2.1~2,6~.1~10,14~.0~23,27~]nonacosa-1(25),2(29),3,5,20,23,26-heptaen-8-yl]-3-methylbutanamide (non-preferred name)'
7 water water
#
loop_
_entity_poly.entity_id
_entity_poly.type
_entity_poly.pdbx_seq_one_letter_code
_entity_poly.pdbx_strand_id
1 'polypeptide(L)'
;SMTEYKLVVVGACGVGKSALTIQLIQNHFVDEYDPTIEDSYRKQVVIDGETCLLDILDTAGQEEYSAMRDQYMRTGEGFL
CVFAINNTKSFEDIHHYREQIKRVKDSEDVPMVLVGNKCDLPSRTVDTKQAQDLARSYGIPFIETSAKTRQGVDDAFYTL
VREIRKHKEK
;
A,B
2 'polypeptide(L)'
;SMVNPTVFFDIAVDGEPLGRVSFELFADKVPKTAENFRALSTGEKGFGYKGSCFHRIIPGFMCQGGDFTRHNGTGGKSIY
GEKFEDENFILKHTGPGILSMANAGPNTNGSQFFICTAKTEWLDGKHVVFGKVKEGMNIVEAMERFGSRNGKTSKKITIA
DCGQLE
;
C,D
#
# COMPACT_ATOMS: atom_id res chain seq x y z
N SER A 1 12.94 -0.45 23.43
CA SER A 1 12.72 -1.44 22.39
C SER A 1 11.27 -1.32 21.92
N MET A 2 10.89 -2.13 20.95
CA MET A 2 9.50 -2.14 20.52
C MET A 2 9.11 -3.58 20.24
N THR A 3 7.83 -3.77 19.94
CA THR A 3 7.27 -5.04 19.52
C THR A 3 6.46 -4.77 18.27
N GLU A 4 5.93 -5.82 17.67
CA GLU A 4 5.12 -5.71 16.46
C GLU A 4 3.98 -6.70 16.59
N TYR A 5 2.77 -6.28 16.18
CA TYR A 5 1.57 -7.11 16.28
C TYR A 5 0.87 -7.17 14.95
N LYS A 6 0.53 -8.39 14.52
CA LYS A 6 -0.28 -8.63 13.33
C LYS A 6 -1.75 -8.65 13.72
N LEU A 7 -2.48 -7.59 13.39
CA LEU A 7 -3.90 -7.47 13.70
C LEU A 7 -4.71 -7.70 12.44
N VAL A 8 -5.82 -8.42 12.56
CA VAL A 8 -6.66 -8.72 11.40
C VAL A 8 -8.08 -8.26 11.70
N VAL A 9 -8.66 -7.51 10.77
CA VAL A 9 -9.99 -6.94 10.97
C VAL A 9 -10.96 -7.77 10.13
N VAL A 10 -11.94 -8.39 10.79
CA VAL A 10 -12.89 -9.28 10.13
C VAL A 10 -14.32 -8.91 10.51
N GLY A 11 -15.27 -9.42 9.72
CA GLY A 11 -16.68 -9.13 9.94
C GLY A 11 -17.44 -8.99 8.64
N ALA A 12 -18.77 -8.94 8.75
CA ALA A 12 -19.62 -8.98 7.58
C ALA A 12 -19.45 -7.74 6.70
N CYS A 13 -19.95 -7.86 5.47
CA CYS A 13 -19.83 -6.76 4.54
C CYS A 13 -20.48 -5.50 5.07
N GLY A 14 -19.77 -4.38 4.95
CA GLY A 14 -20.38 -3.09 5.22
C GLY A 14 -20.44 -2.68 6.67
N VAL A 15 -19.84 -3.44 7.58
CA VAL A 15 -19.96 -3.09 9.01
C VAL A 15 -19.05 -1.96 9.42
N GLY A 16 -18.06 -1.61 8.62
CA GLY A 16 -17.14 -0.54 8.93
C GLY A 16 -15.71 -0.96 9.22
N LYS A 17 -15.30 -2.15 8.80
CA LYS A 17 -13.92 -2.59 9.01
C LYS A 17 -12.92 -1.61 8.43
N SER A 18 -13.15 -1.18 7.19
CA SER A 18 -12.21 -0.27 6.56
C SER A 18 -12.30 1.12 7.16
N ALA A 19 -13.52 1.59 7.39
CA ALA A 19 -13.65 2.93 7.96
C ALA A 19 -12.95 3.03 9.32
N LEU A 20 -13.04 1.97 10.16
CA LEU A 20 -12.31 1.95 11.42
C LEU A 20 -10.82 1.96 11.16
N THR A 21 -10.34 1.14 10.21
CA THR A 21 -8.91 1.11 9.91
C THR A 21 -8.40 2.45 9.39
N ILE A 22 -9.16 3.09 8.52
CA ILE A 22 -8.74 4.36 7.92
CA ILE A 22 -8.72 4.36 7.93
C ILE A 22 -8.73 5.47 8.97
N GLN A 23 -9.69 5.44 9.89
CA GLN A 23 -9.61 6.39 11.00
C GLN A 23 -8.33 6.21 11.78
N LEU A 24 -7.95 4.98 12.06
CA LEU A 24 -6.72 4.76 12.83
C LEU A 24 -5.49 5.23 12.05
N ILE A 25 -5.45 4.95 10.76
CA ILE A 25 -4.24 5.18 9.96
C ILE A 25 -4.18 6.60 9.43
N GLN A 26 -5.31 7.13 8.94
CA GLN A 26 -5.34 8.37 8.18
C GLN A 26 -6.19 9.46 8.83
N ASN A 27 -6.77 9.19 10.00
N ASN A 27 -6.85 9.17 9.95
CA ASN A 27 -7.54 10.18 10.77
CA ASN A 27 -7.52 10.18 10.78
C ASN A 27 -8.53 10.94 9.88
C ASN A 27 -8.65 10.91 10.04
N HIS A 28 -9.36 10.19 9.18
CA HIS A 28 -10.50 10.77 8.47
C HIS A 28 -11.53 9.69 8.19
N PHE A 29 -12.74 10.13 7.84
CA PHE A 29 -13.91 9.31 7.54
C PHE A 29 -14.60 9.87 6.30
N VAL A 30 -15.05 9.00 5.39
CA VAL A 30 -15.94 9.42 4.30
C VAL A 30 -17.14 8.50 4.26
N ASP A 31 -18.29 9.04 3.85
CA ASP A 31 -19.50 8.26 3.72
C ASP A 31 -19.44 7.30 2.55
N GLU A 32 -18.62 7.57 1.54
CA GLU A 32 -18.59 6.71 0.37
C GLU A 32 -18.03 5.35 0.73
N TYR A 33 -18.72 4.30 0.27
CA TYR A 33 -18.37 2.90 0.47
C TYR A 33 -17.42 2.46 -0.64
N ASP A 34 -16.21 2.05 -0.28
CA ASP A 34 -15.27 1.47 -1.25
C ASP A 34 -15.01 0.02 -0.85
N PRO A 35 -15.69 -0.93 -1.47
CA PRO A 35 -15.63 -2.34 -1.01
C PRO A 35 -14.20 -2.92 -1.09
N THR A 36 -13.79 -3.60 -0.03
CA THR A 36 -12.43 -4.10 0.08
C THR A 36 -12.24 -5.40 -0.69
N ILE A 37 -11.08 -5.51 -1.34
CA ILE A 37 -10.51 -6.80 -1.72
C ILE A 37 -9.58 -7.20 -0.58
N GLU A 38 -8.51 -6.42 -0.36
CA GLU A 38 -7.57 -6.66 0.74
C GLU A 38 -6.64 -5.47 0.82
N ASP A 39 -6.37 -4.99 2.03
CA ASP A 39 -5.42 -3.90 2.21
C ASP A 39 -4.67 -4.11 3.51
N SER A 40 -3.42 -3.64 3.53
CA SER A 40 -2.57 -3.72 4.71
C SER A 40 -1.99 -2.35 5.03
N TYR A 41 -1.84 -2.10 6.34
CA TYR A 41 -1.35 -0.82 6.82
C TYR A 41 -0.40 -1.05 7.98
N ARG A 42 0.47 -0.06 8.21
CA ARG A 42 1.41 -0.11 9.33
C ARG A 42 1.39 1.21 10.04
N LYS A 43 1.49 1.16 11.38
CA LYS A 43 1.46 2.36 12.21
CA LYS A 43 1.50 2.37 12.18
C LYS A 43 2.24 2.09 13.47
N GLN A 44 3.09 3.04 13.87
N GLN A 44 3.06 3.05 13.91
CA GLN A 44 3.79 2.99 15.14
CA GLN A 44 3.82 2.94 15.16
C GLN A 44 2.96 3.72 16.19
C GLN A 44 3.13 3.75 16.24
N VAL A 45 2.77 3.08 17.35
CA VAL A 45 1.99 3.66 18.43
C VAL A 45 2.66 3.34 19.74
N VAL A 46 2.20 3.99 20.81
CA VAL A 46 2.60 3.63 22.16
C VAL A 46 1.36 3.21 22.92
N ILE A 47 1.37 2.00 23.47
CA ILE A 47 0.23 1.47 24.23
C ILE A 47 0.73 1.02 25.60
N ASP A 48 0.15 1.58 26.66
CA ASP A 48 0.59 1.28 28.05
C ASP A 48 2.08 1.48 28.21
N GLY A 49 2.60 2.57 27.63
CA GLY A 49 3.99 2.92 27.74
C GLY A 49 4.94 2.17 26.84
N GLU A 50 4.44 1.20 26.07
CA GLU A 50 5.27 0.28 25.30
C GLU A 50 5.07 0.54 23.81
N THR A 51 6.15 0.91 23.13
CA THR A 51 6.07 1.22 21.71
C THR A 51 5.86 -0.05 20.89
N CYS A 52 5.03 0.05 19.87
CA CYS A 52 4.90 -1.11 18.99
C CYS A 52 4.50 -0.67 17.59
N LEU A 53 4.74 -1.59 16.65
N LEU A 53 4.73 -1.58 16.66
CA LEU A 53 4.32 -1.45 15.27
CA LEU A 53 4.32 -1.44 15.28
C LEU A 53 3.06 -2.29 15.10
C LEU A 53 3.07 -2.28 15.09
N LEU A 54 1.99 -1.66 14.64
CA LEU A 54 0.77 -2.39 14.29
C LEU A 54 0.81 -2.70 12.80
N ASP A 55 0.67 -3.99 12.46
CA ASP A 55 0.49 -4.40 11.06
C ASP A 55 -0.97 -4.78 10.95
N ILE A 56 -1.77 -3.98 10.25
CA ILE A 56 -3.21 -4.19 10.20
C ILE A 56 -3.59 -4.72 8.84
N LEU A 57 -4.19 -5.93 8.82
CA LEU A 57 -4.74 -6.52 7.61
C LEU A 57 -6.24 -6.27 7.62
N ASP A 58 -6.72 -5.46 6.66
CA ASP A 58 -8.13 -5.13 6.48
C ASP A 58 -8.70 -6.11 5.45
N THR A 59 -9.54 -7.04 5.90
CA THR A 59 -10.07 -8.09 5.04
C THR A 59 -11.45 -7.71 4.49
N ALA A 60 -11.81 -8.36 3.36
CA ALA A 60 -13.15 -8.22 2.82
C ALA A 60 -14.13 -9.03 3.67
N GLY A 61 -15.39 -8.58 3.72
CA GLY A 61 -16.38 -9.29 4.51
C GLY A 61 -16.75 -10.68 4.02
N GLN A 62 -16.43 -11.00 2.79
CA GLN A 62 -16.82 -12.26 2.17
C GLN A 62 -16.08 -13.42 2.84
N GLU A 63 -16.64 -14.62 2.75
CA GLU A 63 -16.02 -15.78 3.39
C GLU A 63 -15.75 -16.92 2.42
N GLU A 64 -15.85 -16.68 1.11
CA GLU A 64 -15.28 -17.62 0.17
C GLU A 64 -13.76 -17.50 0.19
N TYR A 65 -13.10 -18.22 -0.70
CA TYR A 65 -11.64 -18.26 -0.74
C TYR A 65 -11.10 -18.66 0.63
N SER A 66 -11.51 -19.86 1.05
N SER A 66 -11.50 -19.86 1.06
CA SER A 66 -11.11 -20.35 2.37
CA SER A 66 -11.11 -20.35 2.37
C SER A 66 -9.59 -20.47 2.48
C SER A 66 -9.60 -20.49 2.48
N ALA A 67 -8.91 -20.85 1.39
CA ALA A 67 -7.46 -20.98 1.43
C ALA A 67 -6.81 -19.68 1.84
N MET A 68 -7.27 -18.56 1.26
N MET A 68 -7.26 -18.57 1.25
CA MET A 68 -6.69 -17.26 1.60
CA MET A 68 -6.71 -17.26 1.59
C MET A 68 -7.12 -16.82 3.00
C MET A 68 -7.11 -16.86 3.00
N ARG A 69 -8.39 -17.02 3.34
CA ARG A 69 -8.86 -16.56 4.65
C ARG A 69 -8.22 -17.38 5.77
N ASP A 70 -8.03 -18.67 5.56
CA ASP A 70 -7.30 -19.47 6.55
C ASP A 70 -5.89 -18.92 6.76
N GLN A 71 -5.21 -18.54 5.68
CA GLN A 71 -3.88 -17.95 5.84
C GLN A 71 -3.92 -16.64 6.61
N TYR A 72 -4.91 -15.79 6.35
CA TYR A 72 -5.08 -14.59 7.17
C TYR A 72 -5.08 -14.93 8.64
N MET A 73 -5.78 -15.99 9.00
CA MET A 73 -6.00 -16.31 10.40
C MET A 73 -4.76 -16.96 11.00
N ARG A 74 -4.07 -17.79 10.21
CA ARG A 74 -2.85 -18.42 10.68
C ARG A 74 -1.80 -17.39 11.06
N THR A 75 -1.62 -16.38 10.21
CA THR A 75 -0.62 -15.33 10.41
C THR A 75 -1.05 -14.32 11.46
N GLY A 76 -2.35 -14.07 11.58
CA GLY A 76 -2.83 -13.03 12.48
C GLY A 76 -2.62 -13.41 13.94
N GLU A 77 -2.25 -12.41 14.74
CA GLU A 77 -2.08 -12.63 16.17
C GLU A 77 -3.31 -12.23 16.98
N GLY A 78 -4.08 -11.27 16.50
CA GLY A 78 -5.32 -10.89 17.17
C GLY A 78 -6.30 -10.40 16.13
N PHE A 79 -7.57 -10.49 16.51
CA PHE A 79 -8.66 -10.28 15.57
C PHE A 79 -9.66 -9.29 16.12
N LEU A 80 -9.91 -8.22 15.36
N LEU A 80 -9.99 -8.29 15.32
CA LEU A 80 -11.09 -7.40 15.59
CA LEU A 80 -11.05 -7.33 15.63
C LEU A 80 -12.25 -8.04 14.87
C LEU A 80 -12.30 -7.81 14.88
N CYS A 81 -13.28 -8.36 15.62
CA CYS A 81 -14.48 -8.99 15.06
C CYS A 81 -15.56 -7.92 15.09
N VAL A 82 -15.86 -7.34 13.93
CA VAL A 82 -16.69 -6.15 13.86
C VAL A 82 -18.08 -6.53 13.37
N PHE A 83 -19.09 -5.96 14.03
CA PHE A 83 -20.46 -5.97 13.50
C PHE A 83 -20.96 -4.54 13.56
N ALA A 84 -22.11 -4.30 12.96
CA ALA A 84 -22.72 -2.98 13.01
C ALA A 84 -23.97 -3.01 13.87
N ILE A 85 -24.12 -2.00 14.74
CA ILE A 85 -25.20 -2.06 15.72
C ILE A 85 -26.56 -1.88 15.10
N ASN A 86 -26.65 -1.52 13.81
CA ASN A 86 -27.91 -1.45 13.08
C ASN A 86 -28.04 -2.58 12.06
N ASN A 87 -27.33 -3.69 12.28
CA ASN A 87 -27.39 -4.82 11.33
C ASN A 87 -27.33 -6.11 12.17
N THR A 88 -28.53 -6.64 12.48
CA THR A 88 -28.61 -7.83 13.32
C THR A 88 -27.92 -9.02 12.68
N LYS A 89 -28.04 -9.19 11.34
CA LYS A 89 -27.38 -10.33 10.72
C LYS A 89 -25.86 -10.25 10.91
N SER A 90 -25.29 -9.04 10.87
CA SER A 90 -23.84 -8.94 11.08
C SER A 90 -23.43 -9.35 12.50
N PHE A 91 -24.29 -9.14 13.48
CA PHE A 91 -24.06 -9.62 14.83
C PHE A 91 -24.18 -11.13 14.90
N GLU A 92 -25.21 -11.67 14.25
CA GLU A 92 -25.38 -13.13 14.20
C GLU A 92 -24.21 -13.79 13.48
N ASP A 93 -23.55 -13.07 12.58
CA ASP A 93 -22.43 -13.65 11.83
C ASP A 93 -21.17 -13.79 12.68
N ILE A 94 -21.10 -13.11 13.82
CA ILE A 94 -19.86 -13.08 14.58
C ILE A 94 -19.42 -14.48 14.97
N HIS A 95 -20.37 -15.33 15.37
CA HIS A 95 -20.03 -16.68 15.79
C HIS A 95 -19.20 -17.43 14.75
N HIS A 96 -19.56 -17.30 13.47
CA HIS A 96 -18.87 -18.04 12.40
C HIS A 96 -17.44 -17.56 12.29
N TYR A 97 -17.22 -16.24 12.36
CA TYR A 97 -15.87 -15.73 12.23
C TYR A 97 -15.00 -16.26 13.37
N ARG A 98 -15.54 -16.28 14.58
CA ARG A 98 -14.80 -16.75 15.75
C ARG A 98 -14.51 -18.25 15.67
N GLU A 99 -15.48 -19.05 15.22
CA GLU A 99 -15.25 -20.48 15.05
C GLU A 99 -14.15 -20.76 14.03
N GLN A 100 -14.12 -20.00 12.93
CA GLN A 100 -13.08 -20.20 11.92
C GLN A 100 -11.70 -19.87 12.49
N ILE A 101 -11.61 -18.78 13.26
CA ILE A 101 -10.32 -18.40 13.84
C ILE A 101 -9.82 -19.48 14.79
N LYS A 102 -10.71 -19.97 15.65
CA LYS A 102 -10.33 -21.01 16.61
C LYS A 102 -9.89 -22.29 15.91
N ARG A 103 -10.58 -22.66 14.83
CA ARG A 103 -10.23 -23.86 14.08
CA ARG A 103 -10.22 -23.87 14.11
C ARG A 103 -8.87 -23.73 13.40
N VAL A 104 -8.64 -22.61 12.72
CA VAL A 104 -7.41 -22.42 11.95
C VAL A 104 -6.22 -22.36 12.88
N LYS A 105 -6.38 -21.70 14.02
CA LYS A 105 -5.27 -21.51 14.93
C LYS A 105 -5.20 -22.59 16.00
N ASP A 106 -6.10 -23.57 15.95
CA ASP A 106 -6.04 -24.73 16.84
C ASP A 106 -6.03 -24.32 18.32
N SER A 107 -6.98 -23.42 18.66
CA SER A 107 -7.02 -22.87 20.01
C SER A 107 -8.40 -22.33 20.34
N GLU A 108 -8.81 -22.51 21.59
CA GLU A 108 -10.00 -21.87 22.14
C GLU A 108 -9.74 -20.49 22.71
N ASP A 109 -8.48 -20.08 22.79
CA ASP A 109 -8.04 -18.86 23.47
C ASP A 109 -7.22 -18.06 22.48
N VAL A 110 -7.86 -17.34 21.58
CA VAL A 110 -7.20 -16.51 20.58
C VAL A 110 -7.51 -15.06 20.89
N PRO A 111 -6.53 -14.18 20.91
CA PRO A 111 -6.83 -12.77 21.20
C PRO A 111 -7.82 -12.17 20.22
N MET A 112 -8.89 -11.60 20.77
CA MET A 112 -9.98 -11.05 19.97
C MET A 112 -10.67 -9.93 20.76
N VAL A 113 -11.25 -8.99 20.03
CA VAL A 113 -12.12 -7.99 20.58
C VAL A 113 -13.40 -7.96 19.75
N LEU A 114 -14.54 -7.90 20.42
CA LEU A 114 -15.81 -7.72 19.74
C LEU A 114 -16.08 -6.24 19.59
N VAL A 115 -16.32 -5.77 18.36
CA VAL A 115 -16.50 -4.35 18.08
C VAL A 115 -17.90 -4.12 17.52
N GLY A 116 -18.67 -3.29 18.21
CA GLY A 116 -19.99 -2.88 17.73
C GLY A 116 -19.89 -1.49 17.13
N ASN A 117 -19.86 -1.39 15.80
CA ASN A 117 -19.59 -0.14 15.10
C ASN A 117 -20.88 0.55 14.65
N LYS A 118 -20.75 1.82 14.26
CA LYS A 118 -21.83 2.71 13.80
C LYS A 118 -22.74 3.13 14.94
N CYS A 119 -22.19 3.29 16.13
CA CYS A 119 -22.99 3.69 17.29
C CYS A 119 -23.47 5.12 17.21
N ASP A 120 -23.05 5.88 16.20
CA ASP A 120 -23.62 7.21 15.97
C ASP A 120 -25.01 7.15 15.36
N LEU A 121 -25.41 6.01 14.87
CA LEU A 121 -26.63 6.01 14.06
C LEU A 121 -27.87 5.79 14.93
N PRO A 122 -29.00 6.33 14.50
CA PRO A 122 -30.25 6.23 15.28
C PRO A 122 -31.10 5.00 14.99
N SER A 123 -30.55 4.02 14.28
CA SER A 123 -31.29 2.87 13.76
C SER A 123 -30.87 1.55 14.42
N ARG A 124 -30.51 1.61 15.70
CA ARG A 124 -29.95 0.45 16.39
C ARG A 124 -30.92 -0.73 16.38
N THR A 125 -30.37 -1.92 16.09
CA THR A 125 -31.12 -3.15 16.22
C THR A 125 -30.47 -4.14 17.17
N VAL A 126 -29.22 -3.92 17.56
CA VAL A 126 -28.51 -4.78 18.50
C VAL A 126 -28.20 -3.95 19.74
N ASP A 127 -28.79 -4.32 20.88
CA ASP A 127 -28.52 -3.50 22.05
C ASP A 127 -27.21 -3.90 22.73
N THR A 128 -26.69 -2.94 23.50
CA THR A 128 -25.40 -3.11 24.16
C THR A 128 -25.36 -4.36 25.01
N LYS A 129 -26.45 -4.63 25.75
CA LYS A 129 -26.47 -5.81 26.62
C LYS A 129 -26.29 -7.10 25.82
N GLN A 130 -26.96 -7.18 24.65
CA GLN A 130 -26.77 -8.34 23.78
C GLN A 130 -25.29 -8.56 23.47
N ALA A 131 -24.61 -7.48 23.08
CA ALA A 131 -23.20 -7.61 22.68
C ALA A 131 -22.32 -7.91 23.88
N GLN A 132 -22.56 -7.23 25.02
CA GLN A 132 -21.76 -7.51 26.20
C GLN A 132 -21.93 -8.96 26.64
N ASP A 133 -23.16 -9.46 26.59
CA ASP A 133 -23.37 -10.86 26.97
C ASP A 133 -22.63 -11.80 26.02
N LEU A 134 -22.65 -11.50 24.72
CA LEU A 134 -21.92 -12.34 23.78
C LEU A 134 -20.43 -12.30 24.06
N ALA A 135 -19.88 -11.09 24.22
CA ALA A 135 -18.46 -10.96 24.53
C ALA A 135 -18.11 -11.68 25.83
N ARG A 136 -18.98 -11.58 26.84
N ARG A 136 -18.96 -11.55 26.85
CA ARG A 136 -18.69 -12.26 28.09
CA ARG A 136 -18.72 -12.27 28.11
C ARG A 136 -18.69 -13.77 27.92
C ARG A 136 -18.65 -13.78 27.86
N SER A 137 -19.53 -14.29 27.01
CA SER A 137 -19.57 -15.74 26.78
C SER A 137 -18.29 -16.22 26.12
N TYR A 138 -17.63 -15.36 25.37
CA TYR A 138 -16.35 -15.64 24.73
C TYR A 138 -15.14 -15.30 25.61
N GLY A 139 -15.37 -14.63 26.73
CA GLY A 139 -14.27 -14.13 27.55
C GLY A 139 -13.42 -13.08 26.86
N ILE A 140 -14.04 -12.24 26.02
CA ILE A 140 -13.30 -11.19 25.31
C ILE A 140 -13.93 -9.83 25.58
N PRO A 141 -13.18 -8.75 25.35
CA PRO A 141 -13.74 -7.41 25.54
C PRO A 141 -14.72 -7.05 24.43
N PHE A 142 -15.68 -6.20 24.78
CA PHE A 142 -16.58 -5.54 23.83
C PHE A 142 -16.31 -4.04 23.85
N ILE A 143 -16.14 -3.46 22.66
CA ILE A 143 -15.90 -2.03 22.49
C ILE A 143 -16.93 -1.50 21.49
N GLU A 144 -17.64 -0.43 21.86
CA GLU A 144 -18.57 0.24 20.95
C GLU A 144 -17.83 1.37 20.24
N THR A 145 -17.99 1.46 18.91
CA THR A 145 -17.23 2.41 18.14
C THR A 145 -18.13 3.17 17.18
N SER A 146 -17.64 4.34 16.78
CA SER A 146 -18.15 5.01 15.58
C SER A 146 -16.95 5.44 14.76
N ALA A 147 -16.76 4.85 13.59
CA ALA A 147 -15.74 5.36 12.67
C ALA A 147 -16.07 6.77 12.22
N LYS A 148 -17.34 7.13 12.20
CA LYS A 148 -17.69 8.47 11.74
C LYS A 148 -17.23 9.56 12.73
N THR A 149 -17.51 9.38 14.03
CA THR A 149 -17.12 10.36 15.03
C THR A 149 -15.76 10.08 15.65
N ARG A 150 -15.17 8.93 15.34
CA ARG A 150 -13.92 8.38 15.86
C ARG A 150 -14.05 7.86 17.28
N GLN A 151 -15.26 7.83 17.84
CA GLN A 151 -15.48 7.24 19.15
C GLN A 151 -15.00 5.81 19.20
N GLY A 152 -14.13 5.52 20.17
CA GLY A 152 -13.72 4.16 20.45
C GLY A 152 -12.73 3.54 19.48
N VAL A 153 -12.32 4.25 18.44
CA VAL A 153 -11.47 3.65 17.41
C VAL A 153 -10.12 3.24 17.99
N ASP A 154 -9.40 4.19 18.60
CA ASP A 154 -8.13 3.82 19.24
C ASP A 154 -8.34 2.75 20.29
N ASP A 155 -9.40 2.86 21.09
CA ASP A 155 -9.65 1.90 22.15
CA ASP A 155 -9.63 1.88 22.15
C ASP A 155 -9.77 0.48 21.60
N ALA A 156 -10.47 0.31 20.48
CA ALA A 156 -10.66 -1.01 19.93
C ALA A 156 -9.32 -1.64 19.56
N PHE A 157 -8.49 -0.90 18.82
CA PHE A 157 -7.21 -1.49 18.42
C PHE A 157 -6.26 -1.65 19.61
N TYR A 158 -6.22 -0.67 20.52
CA TYR A 158 -5.31 -0.76 21.66
C TYR A 158 -5.72 -1.90 22.60
N THR A 159 -7.03 -2.09 22.78
CA THR A 159 -7.51 -3.20 23.58
C THR A 159 -7.10 -4.52 22.96
N LEU A 160 -7.14 -4.62 21.62
CA LEU A 160 -6.72 -5.87 20.99
C LEU A 160 -5.25 -6.14 21.27
N VAL A 161 -4.41 -5.11 21.22
CA VAL A 161 -3.00 -5.32 21.54
C VAL A 161 -2.85 -5.76 22.99
N ARG A 162 -3.61 -5.15 23.91
CA ARG A 162 -3.58 -5.59 25.31
C ARG A 162 -3.97 -7.06 25.42
N GLU A 163 -4.97 -7.48 24.64
CA GLU A 163 -5.37 -8.88 24.66
C GLU A 163 -4.25 -9.80 24.18
N ILE A 164 -3.52 -9.41 23.12
CA ILE A 164 -2.41 -10.22 22.64
C ILE A 164 -1.35 -10.32 23.72
N ARG A 165 -1.03 -9.20 24.35
CA ARG A 165 0.01 -9.21 25.37
C ARG A 165 -0.37 -10.10 26.54
N LYS A 166 -1.65 -10.07 26.95
CA LYS A 166 -2.10 -10.96 28.02
C LYS A 166 -1.98 -12.42 27.61
N HIS A 167 -2.29 -12.72 26.35
CA HIS A 167 -2.21 -14.10 25.90
C HIS A 167 -0.75 -14.58 25.89
N LYS A 168 0.18 -13.70 25.50
CA LYS A 168 1.59 -14.08 25.46
C LYS A 168 2.17 -14.32 26.84
N GLU A 169 1.55 -13.77 27.88
CA GLU A 169 2.02 -14.03 29.24
C GLU A 169 1.73 -15.46 29.68
N LYS A 170 0.73 -16.12 29.09
CA LYS A 170 0.33 -17.43 29.58
C LYS A 170 1.44 -18.48 29.36
N SER B 1 -3.44 -26.24 0.92
CA SER B 1 -3.33 -25.03 1.71
C SER B 1 -2.05 -24.28 1.36
N MET B 2 -1.91 -23.06 1.86
CA MET B 2 -0.74 -22.25 1.56
C MET B 2 0.12 -22.03 2.81
N THR B 3 1.25 -21.37 2.60
CA THR B 3 2.18 -21.02 3.66
C THR B 3 2.69 -19.61 3.38
N GLU B 4 2.78 -18.79 4.43
CA GLU B 4 3.24 -17.42 4.32
C GLU B 4 4.68 -17.30 4.77
N TYR B 5 5.48 -16.49 4.04
CA TYR B 5 6.88 -16.26 4.36
C TYR B 5 7.13 -14.77 4.49
N LYS B 6 7.75 -14.37 5.62
CA LYS B 6 8.08 -12.96 5.89
C LYS B 6 9.53 -12.70 5.48
N LEU B 7 9.70 -12.14 4.30
CA LEU B 7 11.02 -11.83 3.75
C LEU B 7 11.36 -10.36 3.94
N VAL B 8 12.63 -10.08 4.22
CA VAL B 8 13.07 -8.71 4.45
C VAL B 8 14.27 -8.47 3.54
N VAL B 9 14.24 -7.39 2.76
CA VAL B 9 15.34 -7.07 1.86
C VAL B 9 16.17 -5.95 2.46
N VAL B 10 17.46 -6.19 2.65
CA VAL B 10 18.37 -5.26 3.31
C VAL B 10 19.61 -5.08 2.46
N GLY B 11 20.33 -3.99 2.72
CA GLY B 11 21.53 -3.68 1.99
C GLY B 11 21.71 -2.18 1.83
N ALA B 12 22.91 -1.81 1.36
CA ALA B 12 23.27 -0.39 1.30
C ALA B 12 22.43 0.39 0.30
N CYS B 13 22.44 1.72 0.46
CA CYS B 13 21.70 2.56 -0.48
C CYS B 13 22.08 2.27 -1.93
N GLY B 14 21.06 2.16 -2.78
CA GLY B 14 21.24 2.09 -4.22
C GLY B 14 21.65 0.76 -4.78
N VAL B 15 21.67 -0.30 -3.98
CA VAL B 15 22.19 -1.57 -4.52
C VAL B 15 21.15 -2.28 -5.36
N GLY B 16 19.89 -1.89 -5.25
CA GLY B 16 18.83 -2.47 -6.03
C GLY B 16 17.83 -3.29 -5.25
N LYS B 17 17.70 -3.06 -3.94
CA LYS B 17 16.70 -3.74 -3.14
C LYS B 17 15.30 -3.58 -3.72
N SER B 18 14.92 -2.34 -4.04
CA SER B 18 13.60 -2.08 -4.56
C SER B 18 13.44 -2.64 -5.97
N ALA B 19 14.47 -2.48 -6.80
CA ALA B 19 14.38 -2.97 -8.18
C ALA B 19 14.20 -4.48 -8.22
N LEU B 20 14.89 -5.19 -7.33
CA LEU B 20 14.71 -6.64 -7.25
C LEU B 20 13.30 -6.97 -6.84
N THR B 21 12.80 -6.26 -5.81
CA THR B 21 11.46 -6.54 -5.30
C THR B 21 10.40 -6.24 -6.35
N ILE B 22 10.54 -5.12 -7.05
CA ILE B 22 9.56 -4.76 -8.08
CA ILE B 22 9.58 -4.75 -8.09
C ILE B 22 9.64 -5.71 -9.27
N GLN B 23 10.84 -6.18 -9.61
CA GLN B 23 10.91 -7.20 -10.65
C GLN B 23 10.20 -8.47 -10.23
N LEU B 24 10.38 -8.89 -8.99
CA LEU B 24 9.70 -10.11 -8.53
C LEU B 24 8.20 -9.95 -8.60
N ILE B 25 7.71 -8.83 -8.09
CA ILE B 25 6.29 -8.63 -7.89
C ILE B 25 5.62 -8.24 -9.20
N GLN B 26 6.22 -7.31 -9.94
CA GLN B 26 5.53 -6.66 -11.07
C GLN B 26 6.21 -6.88 -12.41
N ASN B 27 7.33 -7.60 -12.45
CA ASN B 27 7.98 -7.99 -13.70
C ASN B 27 8.32 -6.78 -14.56
N HIS B 28 8.76 -5.70 -13.95
CA HIS B 28 9.35 -4.63 -14.75
C HIS B 28 10.46 -3.96 -13.96
N PHE B 29 11.22 -3.14 -14.69
CA PHE B 29 12.39 -2.43 -14.23
C PHE B 29 12.42 -1.03 -14.85
N VAL B 30 12.82 -0.02 -14.05
CA VAL B 30 13.10 1.31 -14.59
C VAL B 30 14.43 1.81 -14.06
N ASP B 31 15.08 2.66 -14.86
CA ASP B 31 16.34 3.27 -14.47
C ASP B 31 16.14 4.32 -13.38
N GLU B 32 14.96 4.93 -13.33
CA GLU B 32 14.73 6.03 -12.39
C GLU B 32 14.81 5.54 -10.95
N TYR B 33 15.54 6.28 -10.12
CA TYR B 33 15.73 5.93 -8.72
C TYR B 33 14.66 6.61 -7.87
N ASP B 34 13.93 5.83 -7.10
CA ASP B 34 12.99 6.37 -6.11
C ASP B 34 13.43 5.89 -4.73
N PRO B 35 14.11 6.73 -3.96
CA PRO B 35 14.66 6.28 -2.66
C PRO B 35 13.59 5.79 -1.71
N THR B 36 13.85 4.67 -1.08
CA THR B 36 12.89 4.04 -0.20
C THR B 36 12.88 4.65 1.19
N ILE B 37 11.68 4.82 1.74
CA ILE B 37 11.51 4.94 3.18
C ILE B 37 11.21 3.56 3.74
N GLU B 38 10.08 2.98 3.34
CA GLU B 38 9.68 1.63 3.73
C GLU B 38 8.51 1.22 2.87
N ASP B 39 8.56 0.05 2.26
CA ASP B 39 7.43 -0.46 1.50
C ASP B 39 7.24 -1.94 1.77
N SER B 40 5.98 -2.38 1.71
CA SER B 40 5.62 -3.77 1.93
C SER B 40 4.74 -4.28 0.81
N TYR B 41 5.01 -5.52 0.37
CA TYR B 41 4.33 -6.14 -0.74
C TYR B 41 3.87 -7.54 -0.37
N ARG B 42 2.79 -7.99 -1.00
CA ARG B 42 2.26 -9.34 -0.80
C ARG B 42 1.99 -9.96 -2.17
N LYS B 43 2.45 -11.19 -2.37
CA LYS B 43 2.19 -11.85 -3.65
CA LYS B 43 2.24 -11.86 -3.66
C LYS B 43 2.11 -13.35 -3.45
N GLN B 44 1.12 -13.95 -4.05
CA GLN B 44 0.95 -15.40 -4.04
C GLN B 44 1.73 -16.00 -5.20
N VAL B 45 2.62 -16.96 -4.91
CA VAL B 45 3.40 -17.64 -5.93
C VAL B 45 3.42 -19.12 -5.62
N VAL B 46 3.75 -19.94 -6.61
CA VAL B 46 3.98 -21.37 -6.41
C VAL B 46 5.49 -21.63 -6.48
N ILE B 47 6.01 -22.29 -5.45
CA ILE B 47 7.44 -22.61 -5.36
C ILE B 47 7.56 -24.09 -5.09
N ASP B 48 8.20 -24.82 -6.02
CA ASP B 48 8.35 -26.28 -5.88
C ASP B 48 7.00 -26.95 -5.61
N GLY B 49 5.99 -26.53 -6.34
CA GLY B 49 4.69 -27.16 -6.24
C GLY B 49 3.83 -26.73 -5.07
N GLU B 50 4.33 -25.88 -4.20
CA GLU B 50 3.58 -25.46 -3.01
C GLU B 50 3.17 -24.00 -3.15
N THR B 51 1.92 -23.71 -2.77
CA THR B 51 1.42 -22.33 -2.85
C THR B 51 1.96 -21.51 -1.67
N CYS B 52 2.58 -20.38 -1.98
CA CYS B 52 3.29 -19.57 -0.99
C CYS B 52 2.74 -18.15 -1.05
N LEU B 53 2.56 -17.55 0.12
CA LEU B 53 2.25 -16.13 0.19
C LEU B 53 3.52 -15.42 0.64
N LEU B 54 4.13 -14.64 -0.24
CA LEU B 54 5.34 -13.91 0.13
C LEU B 54 4.95 -12.54 0.68
N ASP B 55 5.35 -12.25 1.91
CA ASP B 55 5.27 -10.90 2.46
C ASP B 55 6.67 -10.32 2.36
N ILE B 56 6.84 -9.26 1.61
CA ILE B 56 8.17 -8.71 1.37
C ILE B 56 8.24 -7.30 1.94
N LEU B 57 9.17 -7.10 2.85
CA LEU B 57 9.47 -5.79 3.43
C LEU B 57 10.71 -5.25 2.75
N ASP B 58 10.53 -4.17 2.01
CA ASP B 58 11.59 -3.50 1.27
C ASP B 58 12.07 -2.34 2.14
N THR B 59 13.27 -2.49 2.73
CA THR B 59 13.79 -1.51 3.67
C THR B 59 14.69 -0.48 2.96
N ALA B 60 14.88 0.65 3.62
CA ALA B 60 15.82 1.65 3.13
C ALA B 60 17.25 1.25 3.44
N GLY B 61 18.19 1.71 2.61
CA GLY B 61 19.61 1.48 2.90
C GLY B 61 20.21 2.27 4.06
N GLN B 62 19.43 3.03 4.81
CA GLN B 62 20.01 3.95 5.78
C GLN B 62 20.47 3.19 7.00
N GLU B 63 21.38 3.81 7.75
CA GLU B 63 22.01 3.14 8.87
C GLU B 63 21.62 3.70 10.22
N GLU B 64 20.89 4.82 10.27
N GLU B 64 20.71 4.67 10.24
CA GLU B 64 20.87 5.63 11.49
CA GLU B 64 20.19 5.20 11.49
C GLU B 64 19.61 5.44 12.34
C GLU B 64 18.89 4.47 11.86
N TYR B 65 18.78 4.44 12.03
N TYR B 65 18.25 4.93 12.95
CA TYR B 65 17.52 4.21 12.74
CA TYR B 65 16.97 4.42 13.44
C TYR B 65 17.49 2.80 13.31
C TYR B 65 17.07 2.93 13.79
N SER B 66 18.16 2.58 14.45
CA SER B 66 18.42 1.21 14.88
C SER B 66 17.22 0.57 15.55
N ALA B 67 16.38 1.34 16.24
CA ALA B 67 15.21 0.75 16.90
C ALA B 67 14.29 0.14 15.84
N MET B 68 14.01 0.91 14.79
N MET B 68 13.98 0.92 14.79
CA MET B 68 13.15 0.41 13.73
CA MET B 68 13.16 0.42 13.71
C MET B 68 13.81 -0.74 12.96
C MET B 68 13.82 -0.74 13.00
N ARG B 69 15.10 -0.59 12.65
CA ARG B 69 15.81 -1.65 11.93
C ARG B 69 15.83 -2.95 12.74
N ASP B 70 16.01 -2.84 14.05
CA ASP B 70 16.02 -4.04 14.88
C ASP B 70 14.66 -4.72 14.85
N GLN B 71 13.57 -3.93 14.82
CA GLN B 71 12.26 -4.57 14.77
C GLN B 71 12.06 -5.28 13.44
N TYR B 72 12.55 -4.68 12.33
CA TYR B 72 12.49 -5.39 11.05
C TYR B 72 13.13 -6.77 11.16
N MET B 73 14.26 -6.84 11.86
CA MET B 73 14.97 -8.11 11.97
C MET B 73 14.30 -9.06 12.93
N ARG B 74 13.67 -8.53 13.99
CA ARG B 74 12.96 -9.38 14.95
C ARG B 74 11.82 -10.12 14.28
N THR B 75 11.03 -9.42 13.46
CA THR B 75 9.86 -9.94 12.79
C THR B 75 10.22 -10.78 11.56
N GLY B 76 11.28 -10.42 10.84
CA GLY B 76 11.57 -11.08 9.56
C GLY B 76 11.95 -12.53 9.77
N GLU B 77 11.53 -13.39 8.84
CA GLU B 77 11.89 -14.80 8.90
C GLU B 77 13.12 -15.11 8.07
N GLY B 78 13.33 -14.37 6.98
CA GLY B 78 14.51 -14.59 6.16
C GLY B 78 14.91 -13.26 5.55
N PHE B 79 16.21 -13.11 5.26
CA PHE B 79 16.80 -11.86 4.86
C PHE B 79 17.54 -12.00 3.54
N LEU B 80 17.17 -11.18 2.57
CA LEU B 80 17.91 -11.05 1.34
C LEU B 80 18.89 -9.92 1.55
N CYS B 81 20.18 -10.25 1.61
CA CYS B 81 21.25 -9.32 1.92
C CYS B 81 21.92 -8.93 0.61
N VAL B 82 21.64 -7.72 0.15
CA VAL B 82 21.97 -7.32 -1.22
C VAL B 82 23.16 -6.37 -1.20
N PHE B 83 24.12 -6.61 -2.09
CA PHE B 83 25.14 -5.62 -2.43
C PHE B 83 25.13 -5.51 -3.95
N ALA B 84 25.85 -4.51 -4.46
CA ALA B 84 25.95 -4.35 -5.91
C ALA B 84 27.37 -4.71 -6.34
N ILE B 85 27.47 -5.48 -7.43
CA ILE B 85 28.79 -6.00 -7.86
C ILE B 85 29.72 -4.90 -8.33
N ASN B 86 29.22 -3.67 -8.52
CA ASN B 86 30.04 -2.54 -8.90
C ASN B 86 30.14 -1.50 -7.79
N ASN B 87 29.95 -1.92 -6.53
CA ASN B 87 29.98 -1.02 -5.37
C ASN B 87 30.72 -1.79 -4.26
N THR B 88 32.04 -1.58 -4.17
CA THR B 88 32.84 -2.34 -3.19
C THR B 88 32.40 -2.03 -1.77
N LYS B 89 32.11 -0.77 -1.45
CA LYS B 89 31.66 -0.45 -0.11
C LYS B 89 30.39 -1.21 0.25
N SER B 90 29.46 -1.37 -0.71
CA SER B 90 28.25 -2.11 -0.37
C SER B 90 28.55 -3.56 -0.01
N PHE B 91 29.60 -4.13 -0.63
CA PHE B 91 30.02 -5.49 -0.27
C PHE B 91 30.67 -5.51 1.09
N GLU B 92 31.54 -4.52 1.36
CA GLU B 92 32.14 -4.42 2.69
C GLU B 92 31.07 -4.22 3.77
N ASP B 93 29.94 -3.61 3.43
CA ASP B 93 28.86 -3.39 4.40
C ASP B 93 28.17 -4.69 4.80
N ILE B 94 28.32 -5.76 4.01
CA ILE B 94 27.49 -6.96 4.22
C ILE B 94 27.70 -7.54 5.60
N HIS B 95 28.94 -7.62 6.10
CA HIS B 95 29.11 -8.27 7.39
C HIS B 95 28.39 -7.52 8.49
N HIS B 96 28.18 -6.20 8.35
CA HIS B 96 27.40 -5.47 9.35
C HIS B 96 25.96 -5.98 9.41
N TYR B 97 25.36 -6.24 8.25
CA TYR B 97 24.00 -6.78 8.27
C TYR B 97 23.93 -8.15 8.91
N ARG B 98 24.88 -9.02 8.58
CA ARG B 98 24.82 -10.33 9.19
C ARG B 98 25.01 -10.24 10.70
N GLU B 99 25.97 -9.41 11.15
CA GLU B 99 26.17 -9.22 12.58
C GLU B 99 24.91 -8.68 13.25
N GLN B 100 24.23 -7.73 12.63
CA GLN B 100 23.04 -7.14 13.24
C GLN B 100 21.91 -8.15 13.33
N ILE B 101 21.71 -8.93 12.26
CA ILE B 101 20.67 -9.96 12.26
C ILE B 101 20.95 -10.99 13.34
N LYS B 102 22.22 -11.43 13.46
CA LYS B 102 22.55 -12.43 14.48
C LYS B 102 22.33 -11.88 15.89
N ARG B 103 22.65 -10.59 16.08
CA ARG B 103 22.51 -9.95 17.39
C ARG B 103 21.04 -9.87 17.78
N VAL B 104 20.19 -9.46 16.85
CA VAL B 104 18.79 -9.23 17.16
C VAL B 104 18.05 -10.54 17.34
N LYS B 105 18.32 -11.52 16.48
CA LYS B 105 17.76 -12.86 16.54
C LYS B 105 18.40 -13.70 17.63
N ASP B 106 19.53 -13.25 18.18
CA ASP B 106 20.31 -14.02 19.16
C ASP B 106 20.59 -15.45 18.67
N SER B 107 21.11 -15.54 17.45
CA SER B 107 21.35 -16.84 16.82
C SER B 107 22.42 -16.71 15.75
N GLU B 108 23.18 -17.79 15.56
CA GLU B 108 24.09 -17.84 14.43
C GLU B 108 23.51 -18.55 13.23
N ASP B 109 22.26 -19.01 13.32
CA ASP B 109 21.56 -19.75 12.27
C ASP B 109 20.28 -19.01 11.92
N VAL B 110 20.35 -18.09 10.96
CA VAL B 110 19.19 -17.30 10.56
C VAL B 110 19.06 -17.39 9.04
N PRO B 111 17.87 -17.68 8.48
CA PRO B 111 17.76 -17.78 7.01
C PRO B 111 18.17 -16.50 6.31
N MET B 112 19.13 -16.62 5.40
N MET B 112 19.15 -16.63 5.42
CA MET B 112 19.53 -15.45 4.64
CA MET B 112 19.74 -15.50 4.72
C MET B 112 20.27 -15.89 3.40
C MET B 112 20.22 -15.97 3.35
N VAL B 113 20.19 -15.05 2.39
CA VAL B 113 20.82 -15.27 1.09
C VAL B 113 21.61 -14.01 0.75
N LEU B 114 22.85 -14.20 0.33
CA LEU B 114 23.69 -13.09 -0.16
C LEU B 114 23.45 -12.90 -1.65
N VAL B 115 23.13 -11.67 -2.04
CA VAL B 115 22.78 -11.34 -3.42
C VAL B 115 23.75 -10.30 -3.96
N GLY B 116 24.43 -10.65 -5.04
CA GLY B 116 25.26 -9.69 -5.74
C GLY B 116 24.51 -9.15 -6.94
N ASN B 117 23.90 -7.98 -6.79
CA ASN B 117 23.01 -7.44 -7.81
C ASN B 117 23.78 -6.57 -8.82
N LYS B 118 23.08 -6.17 -9.90
CA LYS B 118 23.62 -5.37 -11.02
C LYS B 118 24.67 -6.15 -11.81
N CYS B 119 24.49 -7.47 -11.90
CA CYS B 119 25.50 -8.29 -12.58
C CYS B 119 25.49 -8.08 -14.09
N ASP B 120 24.53 -7.31 -14.61
CA ASP B 120 24.54 -6.94 -16.02
C ASP B 120 25.59 -5.86 -16.35
N LEU B 121 26.12 -5.16 -15.37
CA LEU B 121 26.92 -3.98 -15.66
C LEU B 121 28.39 -4.34 -15.86
N PRO B 122 29.06 -3.65 -16.79
CA PRO B 122 30.46 -3.94 -17.10
C PRO B 122 31.44 -3.18 -16.20
N SER B 123 30.98 -2.78 -15.02
CA SER B 123 31.79 -1.98 -14.12
C SER B 123 32.05 -2.71 -12.81
N ARG B 124 32.15 -4.03 -12.89
CA ARG B 124 32.35 -4.84 -11.69
C ARG B 124 33.58 -4.42 -10.90
N THR B 125 33.42 -4.34 -9.56
CA THR B 125 34.54 -4.17 -8.64
C THR B 125 34.65 -5.29 -7.62
N VAL B 126 33.62 -6.11 -7.47
CA VAL B 126 33.58 -7.20 -6.50
C VAL B 126 33.58 -8.49 -7.30
N ASP B 127 34.64 -9.29 -7.14
N ASP B 127 34.65 -9.28 -7.22
CA ASP B 127 34.73 -10.57 -7.85
CA ASP B 127 34.64 -10.49 -8.03
C ASP B 127 33.67 -11.55 -7.34
C ASP B 127 33.75 -11.55 -7.39
N THR B 128 33.17 -12.38 -8.26
CA THR B 128 32.27 -13.45 -7.83
C THR B 128 32.89 -14.34 -6.77
N LYS B 129 34.18 -14.70 -6.95
CA LYS B 129 34.83 -15.59 -6.00
C LYS B 129 34.86 -15.00 -4.59
N GLN B 130 35.11 -13.68 -4.47
CA GLN B 130 35.09 -13.00 -3.18
C GLN B 130 33.77 -13.23 -2.46
N ALA B 131 32.68 -13.03 -3.20
CA ALA B 131 31.34 -13.15 -2.61
C ALA B 131 30.98 -14.60 -2.31
N GLN B 132 31.32 -15.53 -3.22
CA GLN B 132 31.17 -16.96 -2.96
C GLN B 132 31.90 -17.36 -1.67
N ASP B 133 33.13 -16.91 -1.52
CA ASP B 133 33.89 -17.29 -0.34
C ASP B 133 33.26 -16.74 0.94
N LEU B 134 32.77 -15.50 0.90
CA LEU B 134 32.14 -14.93 2.08
C LEU B 134 30.87 -15.68 2.44
N ALA B 135 30.01 -15.96 1.45
CA ALA B 135 28.78 -16.69 1.75
C ALA B 135 29.11 -18.07 2.29
N ARG B 136 30.11 -18.73 1.70
CA ARG B 136 30.48 -20.06 2.18
C ARG B 136 30.95 -19.97 3.62
N SER B 137 31.64 -18.88 3.98
CA SER B 137 32.10 -18.74 5.36
C SER B 137 30.95 -18.54 6.33
N TYR B 138 29.82 -17.99 5.87
CA TYR B 138 28.62 -17.82 6.66
C TYR B 138 27.70 -19.03 6.64
N GLY B 139 27.93 -19.97 5.74
CA GLY B 139 27.01 -21.08 5.59
C GLY B 139 25.71 -20.70 4.90
N ILE B 140 25.72 -19.71 4.02
CA ILE B 140 24.48 -19.26 3.38
C ILE B 140 24.65 -19.28 1.87
N PRO B 141 23.55 -19.32 1.12
CA PRO B 141 23.65 -19.28 -0.33
C PRO B 141 24.06 -17.92 -0.86
N PHE B 142 24.65 -17.94 -2.04
CA PHE B 142 25.05 -16.74 -2.78
C PHE B 142 24.49 -16.83 -4.19
N ILE B 143 23.96 -15.72 -4.70
CA ILE B 143 23.52 -15.66 -6.09
C ILE B 143 23.78 -14.28 -6.66
N GLU B 144 24.17 -14.21 -7.93
CA GLU B 144 24.24 -12.94 -8.64
C GLU B 144 22.92 -12.70 -9.36
N THR B 145 22.46 -11.44 -9.33
CA THR B 145 21.19 -11.07 -9.93
C THR B 145 21.35 -9.81 -10.77
N SER B 146 20.39 -9.62 -11.69
CA SER B 146 20.17 -8.33 -12.33
C SER B 146 18.69 -8.04 -12.31
N ALA B 147 18.29 -6.98 -11.61
CA ALA B 147 16.93 -6.50 -11.69
C ALA B 147 16.61 -5.98 -13.07
N LYS B 148 17.64 -5.66 -13.86
CA LYS B 148 17.39 -5.13 -15.21
C LYS B 148 17.12 -6.25 -16.21
N THR B 149 17.94 -7.31 -16.22
CA THR B 149 17.70 -8.39 -17.16
C THR B 149 16.80 -9.48 -16.59
N ARG B 150 16.48 -9.39 -15.29
CA ARG B 150 15.77 -10.38 -14.48
C ARG B 150 16.60 -11.62 -14.19
N GLN B 151 17.88 -11.67 -14.59
CA GLN B 151 18.73 -12.82 -14.22
C GLN B 151 18.70 -13.04 -12.70
N GLY B 152 18.38 -14.27 -12.31
CA GLY B 152 18.44 -14.70 -10.92
C GLY B 152 17.42 -14.11 -9.98
N VAL B 153 16.47 -13.29 -10.45
CA VAL B 153 15.61 -12.60 -9.48
C VAL B 153 14.68 -13.59 -8.78
N ASP B 154 13.92 -14.39 -9.54
CA ASP B 154 13.07 -15.40 -8.93
C ASP B 154 13.91 -16.35 -8.09
N ASP B 155 15.07 -16.75 -8.61
CA ASP B 155 15.88 -17.74 -7.92
C ASP B 155 16.34 -17.21 -6.58
N ALA B 156 16.68 -15.92 -6.50
CA ALA B 156 17.17 -15.36 -5.23
C ALA B 156 16.09 -15.43 -4.16
N PHE B 157 14.90 -14.98 -4.50
CA PHE B 157 13.81 -15.01 -3.52
C PHE B 157 13.37 -16.44 -3.22
N TYR B 158 13.33 -17.30 -4.23
CA TYR B 158 12.89 -18.67 -3.97
C TYR B 158 13.91 -19.41 -3.12
N THR B 159 15.20 -19.15 -3.36
CA THR B 159 16.25 -19.73 -2.51
C THR B 159 16.07 -19.32 -1.06
N LEU B 160 15.72 -18.05 -0.81
CA LEU B 160 15.48 -17.62 0.57
C LEU B 160 14.28 -18.35 1.18
N VAL B 161 13.21 -18.54 0.40
CA VAL B 161 12.09 -19.34 0.91
C VAL B 161 12.55 -20.74 1.27
N ARG B 162 13.37 -21.35 0.41
CA ARG B 162 13.88 -22.69 0.70
C ARG B 162 14.73 -22.70 1.96
N GLU B 163 15.50 -21.64 2.21
CA GLU B 163 16.26 -21.54 3.47
C GLU B 163 15.33 -21.43 4.67
N ILE B 164 14.24 -20.66 4.56
CA ILE B 164 13.30 -20.57 5.70
C ILE B 164 12.65 -21.92 5.94
N ARG B 165 12.22 -22.60 4.87
CA ARG B 165 11.58 -23.90 5.01
C ARG B 165 12.47 -24.86 5.75
N LYS B 166 13.73 -24.93 5.36
CA LYS B 166 14.60 -25.92 5.97
C LYS B 166 14.85 -25.57 7.43
N HIS B 167 14.91 -24.27 7.75
CA HIS B 167 15.06 -23.86 9.15
C HIS B 167 13.84 -24.26 9.96
N LYS B 168 12.64 -24.05 9.41
CA LYS B 168 11.43 -24.30 10.17
C LYS B 168 11.12 -25.79 10.32
N GLU B 169 11.45 -26.59 9.29
CA GLU B 169 11.20 -28.03 9.22
C GLU B 169 12.25 -28.86 9.95
N LYS B 170 13.39 -28.26 10.28
CA LYS B 170 14.58 -28.93 10.80
C LYS B 170 14.29 -30.02 11.84
N VAL C 3 19.39 42.84 9.41
CA VAL C 3 18.13 42.13 9.60
C VAL C 3 18.10 40.83 8.79
N ASN C 4 17.79 39.71 9.46
CA ASN C 4 17.66 38.44 8.78
C ASN C 4 16.60 38.54 7.68
N PRO C 5 16.88 38.05 6.49
CA PRO C 5 15.87 38.10 5.41
C PRO C 5 14.72 37.16 5.69
N THR C 6 13.56 37.49 5.09
CA THR C 6 12.40 36.62 5.15
CA THR C 6 12.38 36.65 5.16
C THR C 6 11.97 36.30 3.73
N VAL C 7 11.63 35.03 3.51
CA VAL C 7 11.15 34.59 2.21
C VAL C 7 9.78 33.94 2.37
N PHE C 8 9.04 33.85 1.26
CA PHE C 8 7.72 33.24 1.28
C PHE C 8 7.63 32.13 0.25
N PHE C 9 6.85 31.12 0.59
CA PHE C 9 6.37 30.11 -0.35
C PHE C 9 4.85 30.19 -0.40
N ASP C 10 4.30 30.29 -1.61
CA ASP C 10 2.88 30.07 -1.80
C ASP C 10 2.68 28.61 -2.19
N ILE C 11 2.10 27.83 -1.31
CA ILE C 11 1.93 26.39 -1.46
C ILE C 11 0.64 26.09 -2.20
N ALA C 12 0.71 25.12 -3.12
CA ALA C 12 -0.45 24.70 -3.90
C ALA C 12 -0.64 23.18 -3.76
N VAL C 13 -1.90 22.76 -3.93
CA VAL C 13 -2.34 21.37 -3.86
C VAL C 13 -2.97 21.09 -5.22
N ASP C 14 -2.32 20.22 -6.03
CA ASP C 14 -2.71 20.02 -7.44
C ASP C 14 -2.99 21.36 -8.14
N GLY C 15 -2.15 22.36 -7.89
CA GLY C 15 -2.26 23.65 -8.51
C GLY C 15 -3.19 24.66 -7.85
N GLU C 16 -4.01 24.25 -6.87
CA GLU C 16 -4.92 25.19 -6.20
C GLU C 16 -4.24 25.76 -4.97
N PRO C 17 -4.37 27.07 -4.72
CA PRO C 17 -3.70 27.65 -3.55
C PRO C 17 -4.12 26.99 -2.25
N LEU C 18 -3.13 26.62 -1.45
CA LEU C 18 -3.36 26.15 -0.08
C LEU C 18 -3.15 27.29 0.91
N GLY C 19 -2.01 27.96 0.84
CA GLY C 19 -1.72 29.10 1.68
C GLY C 19 -0.25 29.44 1.58
N ARG C 20 0.12 30.47 2.35
CA ARG C 20 1.48 31.00 2.35
C ARG C 20 2.20 30.57 3.61
N VAL C 21 3.47 30.17 3.43
CA VAL C 21 4.40 29.96 4.54
C VAL C 21 5.52 30.96 4.36
N SER C 22 5.85 31.70 5.41
CA SER C 22 7.03 32.54 5.36
C SER C 22 8.07 32.03 6.35
N PHE C 23 9.30 32.41 6.08
CA PHE C 23 10.45 31.91 6.83
C PHE C 23 11.41 33.03 7.19
N GLU C 24 11.93 33.00 8.40
CA GLU C 24 13.08 33.81 8.77
C GLU C 24 14.33 32.99 8.48
N LEU C 25 15.28 33.56 7.74
CA LEU C 25 16.53 32.87 7.43
C LEU C 25 17.61 33.44 8.32
N PHE C 26 18.32 32.58 9.04
CA PHE C 26 19.26 33.01 10.07
C PHE C 26 20.60 33.38 9.44
N ALA C 27 20.57 34.45 8.65
CA ALA C 27 21.79 34.91 7.99
C ALA C 27 22.83 35.35 9.02
N ASP C 28 22.37 35.82 10.19
CA ASP C 28 23.27 36.25 11.25
C ASP C 28 24.09 35.11 11.84
N LYS C 29 23.64 33.87 11.73
CA LYS C 29 24.35 32.73 12.30
C LYS C 29 24.82 31.73 11.27
N VAL C 30 24.15 31.63 10.14
CA VAL C 30 24.45 30.61 9.15
C VAL C 30 24.41 31.30 7.79
N PRO C 31 25.30 32.27 7.52
CA PRO C 31 25.12 33.14 6.35
C PRO C 31 25.17 32.45 5.01
N LYS C 32 26.11 31.51 4.80
CA LYS C 32 26.22 30.88 3.48
C LYS C 32 25.00 30.04 3.18
N THR C 33 24.50 29.35 4.19
CA THR C 33 23.36 28.46 3.99
C THR C 33 22.09 29.28 3.84
N ALA C 34 21.95 30.34 4.63
CA ALA C 34 20.81 31.22 4.47
C ALA C 34 20.79 31.89 3.10
N GLU C 35 21.96 32.32 2.61
CA GLU C 35 22.02 33.00 1.32
C GLU C 35 21.64 32.06 0.17
N ASN C 36 22.04 30.79 0.25
CA ASN C 36 21.63 29.82 -0.76
C ASN C 36 20.10 29.72 -0.83
N PHE C 37 19.45 29.54 0.33
CA PHE C 37 17.99 29.38 0.32
C PHE C 37 17.28 30.66 -0.14
N ARG C 38 17.81 31.82 0.27
CA ARG C 38 17.23 33.09 -0.15
C ARG C 38 17.27 33.22 -1.66
N ALA C 39 18.44 32.99 -2.27
CA ALA C 39 18.57 33.16 -3.72
C ALA C 39 17.78 32.12 -4.47
N LEU C 40 17.71 30.88 -3.96
CA LEU C 40 16.89 29.88 -4.63
C LEU C 40 15.41 30.25 -4.53
N SER C 41 15.02 30.99 -3.47
CA SER C 41 13.62 31.41 -3.33
C SER C 41 13.28 32.57 -4.25
N THR C 42 14.24 33.44 -4.58
CA THR C 42 13.92 34.50 -5.51
C THR C 42 14.08 34.08 -6.95
N GLY C 43 14.84 33.02 -7.19
CA GLY C 43 15.18 32.60 -8.54
C GLY C 43 16.20 33.45 -9.25
N GLU C 44 16.88 34.36 -8.55
CA GLU C 44 17.70 35.39 -9.18
C GLU C 44 18.93 34.83 -9.91
N LYS C 45 19.32 33.58 -9.65
CA LYS C 45 20.43 32.97 -10.38
C LYS C 45 19.96 32.29 -11.66
N GLY C 46 18.66 32.29 -11.93
CA GLY C 46 18.11 31.63 -13.09
C GLY C 46 17.59 30.24 -12.84
N PHE C 47 17.54 29.81 -11.58
CA PHE C 47 17.01 28.51 -11.18
C PHE C 47 16.59 28.65 -9.73
N GLY C 48 15.77 27.70 -9.26
CA GLY C 48 15.39 27.74 -7.85
C GLY C 48 14.10 27.00 -7.61
N TYR C 49 13.49 27.32 -6.46
CA TYR C 49 12.42 26.51 -5.92
C TYR C 49 11.08 26.65 -6.64
N LYS C 50 10.82 27.74 -7.37
CA LYS C 50 9.49 27.95 -7.90
C LYS C 50 9.08 26.80 -8.82
N GLY C 51 7.91 26.23 -8.55
CA GLY C 51 7.39 25.09 -9.30
C GLY C 51 7.74 23.74 -8.72
N SER C 52 8.69 23.67 -7.80
CA SER C 52 9.14 22.37 -7.30
C SER C 52 8.17 21.82 -6.25
N CYS C 53 8.37 20.56 -5.91
N CYS C 53 8.28 20.55 -5.95
CA CYS C 53 7.46 19.73 -5.13
CA CYS C 53 7.29 19.97 -5.05
C CYS C 53 7.98 19.45 -3.72
C CYS C 53 7.92 19.47 -3.76
N PHE C 54 7.07 19.38 -2.74
CA PHE C 54 7.35 18.71 -1.47
C PHE C 54 7.09 17.24 -1.71
N HIS C 55 8.14 16.52 -2.07
CA HIS C 55 7.96 15.16 -2.53
C HIS C 55 7.85 14.16 -1.38
N ARG C 56 8.29 14.51 -0.18
CA ARG C 56 8.31 13.55 0.93
C ARG C 56 7.75 14.24 2.16
N ILE C 57 6.56 13.82 2.58
CA ILE C 57 5.93 14.40 3.77
C ILE C 57 5.56 13.26 4.70
N ILE C 58 6.15 13.21 5.89
CA ILE C 58 5.90 12.11 6.83
C ILE C 58 5.30 12.71 8.10
N PRO C 59 4.02 12.48 8.34
CA PRO C 59 3.36 13.01 9.54
C PRO C 59 4.10 12.64 10.80
N GLY C 60 4.23 13.62 11.68
CA GLY C 60 4.99 13.46 12.90
C GLY C 60 6.43 13.85 12.79
N PHE C 61 6.93 14.14 11.58
CA PHE C 61 8.35 14.38 11.42
C PHE C 61 8.64 15.62 10.58
N MET C 62 8.34 15.62 9.27
CA MET C 62 8.79 16.76 8.47
C MET C 62 8.12 16.78 7.10
N CYS C 63 8.25 17.95 6.47
CA CYS C 63 7.92 18.17 5.06
C CYS C 63 9.20 18.47 4.31
N GLN C 64 9.56 17.64 3.33
CA GLN C 64 10.82 17.75 2.60
C GLN C 64 10.54 18.10 1.14
N GLY C 65 11.33 19.01 0.60
CA GLY C 65 11.18 19.45 -0.77
C GLY C 65 12.47 20.01 -1.34
N GLY C 66 12.34 20.64 -2.51
CA GLY C 66 13.45 21.40 -3.07
C GLY C 66 14.19 20.81 -4.26
N ASP C 67 13.75 19.68 -4.82
CA ASP C 67 14.41 19.10 -6.01
C ASP C 67 13.83 19.73 -7.27
N PHE C 68 14.48 20.79 -7.74
CA PHE C 68 14.06 21.48 -8.97
C PHE C 68 14.86 21.07 -10.19
N THR C 69 15.83 20.14 -10.07
CA THR C 69 16.58 19.69 -11.24
C THR C 69 16.13 18.34 -11.77
N ARG C 70 15.83 17.37 -10.91
CA ARG C 70 15.38 16.05 -11.36
C ARG C 70 13.90 15.80 -11.13
N HIS C 71 13.27 16.62 -10.28
CA HIS C 71 11.83 16.56 -10.05
C HIS C 71 11.39 15.19 -9.53
N ASN C 72 12.29 14.47 -8.82
CA ASN C 72 11.96 13.12 -8.37
C ASN C 72 12.53 12.81 -6.99
N GLY C 73 13.05 13.81 -6.26
CA GLY C 73 13.58 13.58 -4.93
C GLY C 73 15.05 13.21 -4.87
N THR C 74 15.71 13.11 -6.01
CA THR C 74 17.13 12.79 -6.03
C THR C 74 18.01 13.97 -6.37
N GLY C 75 17.44 15.08 -6.81
CA GLY C 75 18.27 16.13 -7.36
C GLY C 75 18.34 17.39 -6.52
N GLY C 76 18.53 18.52 -7.20
CA GLY C 76 18.78 19.81 -6.61
C GLY C 76 20.24 20.24 -6.72
N LYS C 77 20.46 21.53 -6.55
CA LYS C 77 21.81 22.08 -6.64
C LYS C 77 21.78 23.41 -5.90
N SER C 78 22.93 23.81 -5.37
CA SER C 78 23.05 25.08 -4.67
C SER C 78 23.48 26.19 -5.61
N ILE C 79 23.54 27.42 -5.08
CA ILE C 79 24.08 28.53 -5.86
C ILE C 79 25.60 28.52 -5.92
N TYR C 80 26.24 27.58 -5.23
CA TYR C 80 27.69 27.47 -5.13
C TYR C 80 28.23 26.32 -5.96
N GLY C 81 27.38 25.62 -6.69
CA GLY C 81 27.74 24.34 -7.28
C GLY C 81 26.77 23.28 -6.84
N GLU C 82 27.08 22.04 -7.22
CA GLU C 82 26.13 20.98 -6.93
C GLU C 82 25.98 20.76 -5.42
N LYS C 83 27.06 20.92 -4.67
CA LYS C 83 27.03 20.69 -3.23
C LYS C 83 27.90 21.72 -2.53
N PHE C 84 27.57 21.99 -1.27
CA PHE C 84 28.47 22.79 -0.45
C PHE C 84 28.52 22.22 0.97
N GLU C 85 29.57 22.64 1.70
CA GLU C 85 29.91 22.00 2.96
C GLU C 85 28.94 22.40 4.05
N ASP C 86 28.89 21.59 5.10
CA ASP C 86 28.11 21.94 6.29
C ASP C 86 28.73 23.13 6.97
N GLU C 87 27.96 24.21 7.12
CA GLU C 87 28.55 25.49 7.49
C GLU C 87 28.86 25.54 8.99
N ASN C 88 27.88 25.14 9.80
CA ASN C 88 28.08 24.99 11.23
C ASN C 88 26.87 24.23 11.76
N PHE C 89 26.97 23.79 13.02
CA PHE C 89 25.86 23.09 13.67
C PHE C 89 25.42 23.84 14.93
N ILE C 90 25.45 25.18 14.85
CA ILE C 90 25.07 25.98 16.02
C ILE C 90 23.64 25.71 16.42
N LEU C 91 22.72 25.67 15.44
CA LEU C 91 21.31 25.61 15.76
C LEU C 91 20.80 24.19 15.64
N LYS C 92 19.80 23.90 16.45
CA LYS C 92 19.31 22.53 16.60
C LYS C 92 17.87 22.42 16.13
N HIS C 93 17.45 21.16 15.95
CA HIS C 93 16.11 20.82 15.47
C HIS C 93 15.18 20.77 16.67
N THR C 94 14.77 21.96 17.12
CA THR C 94 14.21 22.09 18.46
C THR C 94 12.70 21.85 18.54
N GLY C 95 11.99 21.91 17.43
CA GLY C 95 10.55 21.79 17.47
C GLY C 95 9.95 22.07 16.13
N PRO C 96 8.61 22.11 16.07
CA PRO C 96 7.91 22.41 14.82
C PRO C 96 8.37 23.74 14.23
N GLY C 97 8.50 23.77 12.89
CA GLY C 97 8.81 25.01 12.20
C GLY C 97 10.25 25.21 11.85
N ILE C 98 11.16 24.39 12.39
CA ILE C 98 12.58 24.53 12.07
C ILE C 98 12.83 24.16 10.61
N LEU C 99 13.63 24.98 9.93
CA LEU C 99 14.02 24.83 8.54
C LEU C 99 15.48 24.39 8.47
N SER C 100 15.73 23.26 7.81
CA SER C 100 17.03 22.62 7.86
C SER C 100 17.35 22.02 6.51
N MET C 101 18.64 21.83 6.24
CA MET C 101 19.08 21.27 4.95
C MET C 101 18.99 19.74 4.93
N ALA C 102 18.39 19.23 3.87
CA ALA C 102 18.47 17.79 3.60
C ALA C 102 19.86 17.48 3.03
N ASN C 103 20.28 16.21 3.13
CA ASN C 103 21.60 15.89 2.58
C ASN C 103 21.72 14.39 2.40
N ALA C 104 22.85 13.98 1.82
CA ALA C 104 23.15 12.58 1.58
C ALA C 104 24.43 12.21 2.31
N GLY C 105 24.67 12.80 3.47
CA GLY C 105 25.92 12.60 4.17
C GLY C 105 26.63 13.91 4.40
N PRO C 106 27.81 13.85 5.01
CA PRO C 106 28.55 15.07 5.29
C PRO C 106 28.86 15.91 4.06
N ASN C 107 28.67 17.22 4.19
CA ASN C 107 29.07 18.20 3.18
C ASN C 107 28.44 17.93 1.81
N THR C 108 27.12 17.68 1.79
CA THR C 108 26.42 17.44 0.54
C THR C 108 25.17 18.31 0.43
N ASN C 109 25.18 19.48 1.04
CA ASN C 109 24.06 20.42 0.90
C ASN C 109 23.88 20.85 -0.53
N GLY C 110 22.62 20.89 -0.97
CA GLY C 110 22.33 21.29 -2.33
C GLY C 110 21.22 22.31 -2.30
N SER C 111 20.02 21.88 -2.72
CA SER C 111 18.84 22.71 -2.54
C SER C 111 17.77 22.07 -1.68
N GLN C 112 17.78 20.75 -1.52
CA GLN C 112 16.71 20.11 -0.77
C GLN C 112 16.77 20.50 0.70
N PHE C 113 15.59 20.67 1.29
CA PHE C 113 15.43 21.17 2.64
C PHE C 113 14.26 20.46 3.28
N PHE C 114 14.11 20.63 4.59
CA PHE C 114 12.91 20.13 5.23
C PHE C 114 12.46 21.10 6.32
N ILE C 115 11.16 21.08 6.55
CA ILE C 115 10.50 21.82 7.61
C ILE C 115 10.07 20.80 8.64
N CYS C 116 10.60 20.91 9.85
CA CYS C 116 10.22 20.02 10.95
C CYS C 116 8.78 20.26 11.36
N THR C 117 8.05 19.17 11.63
CA THR C 117 6.74 19.33 12.25
C THR C 117 6.75 18.86 13.69
N ALA C 118 7.90 18.45 14.18
CA ALA C 118 8.13 18.03 15.56
C ALA C 118 9.62 18.21 15.82
N LYS C 119 9.99 18.13 17.09
CA LYS C 119 11.41 18.08 17.44
C LYS C 119 12.03 16.84 16.82
N THR C 120 13.19 17.02 16.16
CA THR C 120 13.91 15.90 15.55
C THR C 120 15.38 15.93 15.96
N GLU C 121 15.60 15.76 17.27
CA GLU C 121 16.93 16.01 17.85
C GLU C 121 17.99 15.06 17.32
N TRP C 122 17.61 13.88 16.81
CA TRP C 122 18.63 12.95 16.31
C TRP C 122 19.29 13.46 15.04
N LEU C 123 18.74 14.51 14.44
CA LEU C 123 19.36 15.14 13.27
C LEU C 123 20.36 16.23 13.65
N ASP C 124 20.42 16.61 14.94
CA ASP C 124 21.35 17.64 15.38
C ASP C 124 22.78 17.21 15.11
N GLY C 125 23.57 18.14 14.59
CA GLY C 125 24.95 17.84 14.25
C GLY C 125 25.13 17.11 12.95
N LYS C 126 24.04 16.75 12.26
CA LYS C 126 24.12 16.11 10.94
C LYS C 126 23.48 16.92 9.83
N HIS C 127 22.45 17.72 10.14
CA HIS C 127 21.79 18.57 9.17
C HIS C 127 21.89 20.00 9.66
N VAL C 128 22.22 20.91 8.74
CA VAL C 128 22.40 22.32 9.08
C VAL C 128 21.06 23.05 9.17
N VAL C 129 20.75 23.52 10.36
CA VAL C 129 19.58 24.35 10.62
C VAL C 129 19.90 25.79 10.27
N PHE C 130 19.01 26.44 9.52
CA PHE C 130 19.32 27.79 9.06
C PHE C 130 18.13 28.72 9.03
N GLY C 131 16.96 28.30 9.48
CA GLY C 131 15.84 29.20 9.50
C GLY C 131 14.68 28.60 10.27
N LYS C 132 13.55 29.32 10.24
CA LYS C 132 12.35 28.80 10.86
C LYS C 132 11.12 29.43 10.22
N VAL C 133 9.99 28.71 10.31
CA VAL C 133 8.72 29.27 9.87
C VAL C 133 8.41 30.51 10.71
N LYS C 134 8.07 31.61 10.03
CA LYS C 134 7.60 32.83 10.68
C LYS C 134 6.08 32.80 10.72
N GLU C 135 5.43 32.96 9.58
CA GLU C 135 3.97 32.82 9.54
C GLU C 135 3.58 31.60 8.71
N GLY C 136 2.43 31.04 9.02
CA GLY C 136 1.90 29.94 8.25
C GLY C 136 2.18 28.55 8.80
N MET C 137 2.47 28.41 10.10
CA MET C 137 2.57 27.06 10.63
C MET C 137 1.29 26.28 10.41
N ASN C 138 0.13 26.94 10.40
CA ASN C 138 -1.10 26.21 10.11
C ASN C 138 -1.11 25.66 8.69
N ILE C 139 -0.43 26.33 7.76
CA ILE C 139 -0.34 25.82 6.40
C ILE C 139 0.59 24.61 6.37
N VAL C 140 1.66 24.65 7.17
CA VAL C 140 2.55 23.50 7.27
C VAL C 140 1.80 22.31 7.86
N GLU C 141 0.98 22.55 8.87
CA GLU C 141 0.15 21.49 9.45
C GLU C 141 -0.79 20.89 8.41
N ALA C 142 -1.34 21.73 7.53
CA ALA C 142 -2.18 21.20 6.46
C ALA C 142 -1.37 20.35 5.50
N MET C 143 -0.20 20.84 5.08
CA MET C 143 0.68 20.05 4.22
C MET C 143 0.95 18.69 4.81
N GLU C 144 1.22 18.66 6.12
CA GLU C 144 1.56 17.41 6.78
C GLU C 144 0.43 16.37 6.64
N ARG C 145 -0.83 16.80 6.59
CA ARG C 145 -1.94 15.87 6.46
C ARG C 145 -2.00 15.20 5.10
N PHE C 146 -1.28 15.71 4.09
CA PHE C 146 -1.21 15.05 2.80
C PHE C 146 -0.14 13.98 2.75
N GLY C 147 0.66 13.83 3.80
CA GLY C 147 1.72 12.85 3.81
C GLY C 147 1.26 11.48 4.26
N SER C 148 2.23 10.60 4.40
CA SER C 148 1.97 9.23 4.78
C SER C 148 3.26 8.64 5.33
N ARG C 149 3.16 7.40 5.83
N ARG C 149 3.20 7.40 5.82
CA ARG C 149 4.28 6.72 6.48
CA ARG C 149 4.34 6.86 6.54
C ARG C 149 5.53 6.71 5.62
C ARG C 149 5.55 6.64 5.64
N ASN C 150 5.36 6.44 4.33
CA ASN C 150 6.50 6.29 3.43
C ASN C 150 6.83 7.58 2.69
N GLY C 151 6.18 8.68 3.06
CA GLY C 151 6.48 9.99 2.54
C GLY C 151 5.67 10.37 1.31
N LYS C 152 5.00 9.42 0.65
CA LYS C 152 4.22 9.76 -0.55
C LYS C 152 3.01 10.60 -0.19
N THR C 153 2.72 11.59 -1.02
CA THR C 153 1.63 12.52 -0.70
C THR C 153 0.38 12.13 -1.47
N SER C 154 -0.78 12.40 -0.87
CA SER C 154 -2.04 11.97 -1.48
C SER C 154 -2.49 12.91 -2.60
N LYS C 155 -1.98 14.14 -2.60
CA LYS C 155 -2.08 15.07 -3.73
C LYS C 155 -0.73 15.73 -3.89
N LYS C 156 -0.53 16.40 -5.02
CA LYS C 156 0.77 16.96 -5.33
C LYS C 156 0.90 18.34 -4.70
N ILE C 157 1.89 18.48 -3.81
CA ILE C 157 2.09 19.68 -3.01
C ILE C 157 3.29 20.42 -3.60
N THR C 158 3.06 21.66 -4.09
CA THR C 158 4.12 22.38 -4.78
C THR C 158 4.31 23.79 -4.25
N ILE C 159 5.49 24.33 -4.56
CA ILE C 159 5.79 25.75 -4.35
C ILE C 159 5.36 26.49 -5.62
N ALA C 160 4.11 26.96 -5.64
CA ALA C 160 3.60 27.62 -6.84
C ALA C 160 4.28 28.95 -7.10
N ASP C 161 4.63 29.69 -6.04
CA ASP C 161 5.36 30.94 -6.15
C ASP C 161 6.23 31.06 -4.91
N CYS C 162 7.30 31.85 -5.02
CA CYS C 162 8.16 32.07 -3.87
C CYS C 162 9.00 33.31 -4.14
N GLY C 163 9.53 33.89 -3.07
CA GLY C 163 10.26 35.14 -3.23
C GLY C 163 10.69 35.68 -1.90
N GLN C 164 11.27 36.87 -1.94
CA GLN C 164 11.76 37.53 -0.74
C GLN C 164 10.81 38.66 -0.35
N LEU C 165 10.52 38.75 0.95
CA LEU C 165 9.70 39.85 1.45
C LEU C 165 10.57 41.01 1.88
N GLU C 166 10.01 42.21 1.88
CA GLU C 166 10.81 43.38 2.26
C GLU C 166 11.30 43.27 3.71
N SER D 1 -22.59 -14.44 -35.67
CA SER D 1 -23.62 -15.40 -35.29
C SER D 1 -24.89 -15.16 -36.08
N MET D 2 -25.55 -16.25 -36.46
CA MET D 2 -26.86 -16.14 -37.06
C MET D 2 -27.97 -15.84 -36.06
N VAL D 3 -27.73 -15.99 -34.74
CA VAL D 3 -28.77 -15.85 -33.73
C VAL D 3 -28.42 -14.85 -32.62
N ASN D 4 -27.14 -14.81 -32.20
CA ASN D 4 -26.72 -14.04 -31.03
C ASN D 4 -26.24 -12.64 -31.43
N PRO D 5 -26.67 -11.60 -30.72
CA PRO D 5 -26.21 -10.26 -31.06
C PRO D 5 -24.76 -10.04 -30.69
N THR D 6 -24.14 -9.08 -31.36
CA THR D 6 -22.77 -8.64 -31.09
C THR D 6 -22.81 -7.20 -30.66
N VAL D 7 -22.15 -6.88 -29.53
CA VAL D 7 -22.02 -5.50 -29.10
C VAL D 7 -20.54 -5.18 -28.96
N PHE D 8 -20.24 -3.89 -28.91
CA PHE D 8 -18.85 -3.47 -28.78
C PHE D 8 -18.70 -2.41 -27.69
N PHE D 9 -17.51 -2.38 -27.12
CA PHE D 9 -17.01 -1.30 -26.28
C PHE D 9 -15.76 -0.73 -26.91
N ASP D 10 -15.69 0.60 -27.05
CA ASP D 10 -14.42 1.28 -27.32
C ASP D 10 -13.84 1.69 -25.97
N ILE D 11 -12.69 1.14 -25.62
CA ILE D 11 -12.08 1.32 -24.30
C ILE D 11 -11.13 2.50 -24.35
N ALA D 12 -11.09 3.28 -23.27
CA ALA D 12 -10.17 4.40 -23.18
C ALA D 12 -9.39 4.33 -21.88
N VAL D 13 -8.18 4.91 -21.92
CA VAL D 13 -7.28 4.97 -20.78
C VAL D 13 -7.03 6.45 -20.55
N ASP D 14 -7.53 6.98 -19.43
CA ASP D 14 -7.52 8.42 -19.18
C ASP D 14 -7.97 9.20 -20.41
N GLY D 15 -9.03 8.72 -21.07
CA GLY D 15 -9.61 9.38 -22.21
C GLY D 15 -8.96 9.06 -23.54
N GLU D 16 -7.79 8.37 -23.53
CA GLU D 16 -7.13 8.05 -24.80
C GLU D 16 -7.61 6.71 -25.32
N PRO D 17 -7.83 6.58 -26.63
CA PRO D 17 -8.34 5.32 -27.17
C PRO D 17 -7.34 4.20 -26.95
N LEU D 18 -7.83 3.08 -26.42
CA LEU D 18 -7.03 1.87 -26.27
C LEU D 18 -7.35 0.87 -27.38
N GLY D 19 -8.62 0.65 -27.64
CA GLY D 19 -9.01 -0.29 -28.67
C GLY D 19 -10.45 -0.72 -28.45
N ARG D 20 -10.93 -1.53 -29.37
CA ARG D 20 -12.32 -1.99 -29.37
C ARG D 20 -12.37 -3.44 -28.90
N VAL D 21 -13.32 -3.73 -28.03
CA VAL D 21 -13.64 -5.10 -27.62
C VAL D 21 -15.06 -5.39 -28.08
N SER D 22 -15.26 -6.50 -28.78
CA SER D 22 -16.61 -6.90 -29.15
C SER D 22 -16.99 -8.19 -28.44
N PHE D 23 -18.29 -8.39 -28.26
CA PHE D 23 -18.80 -9.52 -27.49
C PHE D 23 -19.93 -10.19 -28.23
N GLU D 24 -19.94 -11.53 -28.23
CA GLU D 24 -21.11 -12.30 -28.59
C GLU D 24 -21.94 -12.51 -27.33
N LEU D 25 -23.21 -12.12 -27.36
CA LEU D 25 -24.10 -12.29 -26.23
C LEU D 25 -24.99 -13.50 -26.49
N PHE D 26 -24.99 -14.43 -25.55
CA PHE D 26 -25.61 -15.74 -25.78
C PHE D 26 -27.12 -15.65 -25.53
N ALA D 27 -27.80 -14.86 -26.37
CA ALA D 27 -29.25 -14.77 -26.29
C ALA D 27 -29.92 -16.12 -26.53
N ASP D 28 -29.26 -17.03 -27.25
CA ASP D 28 -29.89 -18.31 -27.51
C ASP D 28 -30.07 -19.14 -26.24
N LYS D 29 -29.20 -18.97 -25.25
CA LYS D 29 -29.26 -19.74 -24.03
C LYS D 29 -29.55 -18.94 -22.78
N VAL D 30 -29.27 -17.63 -22.78
CA VAL D 30 -29.45 -16.78 -21.60
C VAL D 30 -30.14 -15.50 -22.08
N PRO D 31 -31.38 -15.58 -22.58
CA PRO D 31 -31.95 -14.43 -23.30
C PRO D 31 -32.18 -13.19 -22.46
N LYS D 32 -32.74 -13.32 -21.26
N LYS D 32 -32.73 -13.31 -21.25
CA LYS D 32 -33.02 -12.13 -20.45
CA LYS D 32 -33.02 -12.10 -20.48
C LYS D 32 -31.75 -11.40 -20.07
C LYS D 32 -31.74 -11.40 -20.07
N THR D 33 -30.72 -12.17 -19.71
CA THR D 33 -29.47 -11.56 -19.28
C THR D 33 -28.73 -10.95 -20.48
N ALA D 34 -28.75 -11.65 -21.61
CA ALA D 34 -28.12 -11.09 -22.80
C ALA D 34 -28.83 -9.82 -23.25
N GLU D 35 -30.17 -9.80 -23.21
CA GLU D 35 -30.90 -8.63 -23.65
C GLU D 35 -30.61 -7.42 -22.76
N ASN D 36 -30.48 -7.64 -21.44
CA ASN D 36 -30.10 -6.54 -20.57
C ASN D 36 -28.78 -5.92 -21.02
N PHE D 37 -27.76 -6.75 -21.23
CA PHE D 37 -26.44 -6.21 -21.60
C PHE D 37 -26.49 -5.56 -22.98
N ARG D 38 -27.26 -6.14 -23.92
CA ARG D 38 -27.39 -5.53 -25.23
C ARG D 38 -27.97 -4.13 -25.12
N ALA D 39 -29.07 -4.00 -24.39
CA ALA D 39 -29.76 -2.72 -24.32
C ALA D 39 -28.94 -1.69 -23.55
N LEU D 40 -28.24 -2.12 -22.49
CA LEU D 40 -27.37 -1.18 -21.78
C LEU D 40 -26.20 -0.74 -22.67
N SER D 41 -25.79 -1.59 -23.63
CA SER D 41 -24.73 -1.23 -24.55
C SER D 41 -25.18 -0.28 -25.66
N THR D 42 -26.44 -0.35 -26.10
CA THR D 42 -26.91 0.63 -27.07
C THR D 42 -27.39 1.92 -26.43
N GLY D 43 -27.73 1.88 -25.14
CA GLY D 43 -28.31 2.99 -24.44
C GLY D 43 -29.75 3.28 -24.79
N GLU D 44 -30.44 2.32 -25.43
CA GLU D 44 -31.75 2.60 -26.00
C GLU D 44 -32.84 2.82 -24.96
N LYS D 45 -32.63 2.43 -23.70
CA LYS D 45 -33.58 2.75 -22.64
C LYS D 45 -33.34 4.13 -22.04
N GLY D 46 -32.30 4.84 -22.47
CA GLY D 46 -31.99 6.15 -21.94
C GLY D 46 -30.89 6.14 -20.91
N PHE D 47 -30.30 4.99 -20.65
CA PHE D 47 -29.19 4.85 -19.71
C PHE D 47 -28.39 3.64 -20.16
N GLY D 48 -27.22 3.49 -19.58
CA GLY D 48 -26.40 2.33 -19.91
C GLY D 48 -24.94 2.63 -19.73
N TYR D 49 -24.13 1.82 -20.42
CA TYR D 49 -22.70 1.71 -20.10
C TYR D 49 -21.84 2.86 -20.61
N LYS D 50 -22.29 3.63 -21.60
CA LYS D 50 -21.39 4.58 -22.22
C LYS D 50 -20.90 5.59 -21.21
N GLY D 51 -19.58 5.71 -21.09
CA GLY D 51 -18.94 6.60 -20.13
C GLY D 51 -18.51 5.94 -18.83
N SER D 52 -19.00 4.74 -18.53
CA SER D 52 -18.75 4.12 -17.25
C SER D 52 -17.35 3.52 -17.23
N CYS D 53 -16.87 3.15 -16.05
N CYS D 53 -16.92 3.10 -16.04
CA CYS D 53 -15.47 2.76 -15.94
CA CYS D 53 -15.56 2.74 -15.72
C CYS D 53 -15.35 1.32 -15.42
C CYS D 53 -15.43 1.24 -15.48
N PHE D 54 -14.27 0.67 -15.86
CA PHE D 54 -13.83 -0.61 -15.29
C PHE D 54 -13.10 -0.31 -13.97
N HIS D 55 -13.85 -0.37 -12.88
CA HIS D 55 -13.35 0.09 -11.59
C HIS D 55 -12.50 -0.93 -10.86
N ARG D 56 -12.61 -2.21 -11.19
CA ARG D 56 -11.90 -3.25 -10.47
C ARG D 56 -11.25 -4.18 -11.49
N ILE D 57 -9.94 -4.15 -11.57
CA ILE D 57 -9.21 -4.97 -12.52
C ILE D 57 -8.14 -5.71 -11.74
N ILE D 58 -8.20 -7.03 -11.72
CA ILE D 58 -7.23 -7.81 -10.95
C ILE D 58 -6.51 -8.76 -11.89
N PRO D 59 -5.24 -8.51 -12.18
CA PRO D 59 -4.46 -9.38 -13.08
C PRO D 59 -4.53 -10.83 -12.65
N GLY D 60 -4.70 -11.70 -13.65
CA GLY D 60 -4.86 -13.11 -13.43
C GLY D 60 -6.29 -13.55 -13.22
N PHE D 61 -7.24 -12.61 -13.12
CA PHE D 61 -8.60 -12.97 -12.78
C PHE D 61 -9.62 -12.33 -13.71
N MET D 62 -9.84 -11.01 -13.61
CA MET D 62 -10.94 -10.42 -14.36
C MET D 62 -10.83 -8.91 -14.41
N CYS D 63 -11.61 -8.33 -15.33
CA CYS D 63 -11.89 -6.90 -15.45
C CYS D 63 -13.37 -6.70 -15.19
N GLN D 64 -13.69 -5.93 -14.14
CA GLN D 64 -15.06 -5.70 -13.70
C GLN D 64 -15.47 -4.25 -13.93
N GLY D 65 -16.67 -4.07 -14.44
CA GLY D 65 -17.16 -2.72 -14.66
C GLY D 65 -18.67 -2.68 -14.63
N GLY D 66 -19.21 -1.58 -15.14
CA GLY D 66 -20.64 -1.46 -15.36
C GLY D 66 -21.46 -0.65 -14.38
N ASP D 67 -20.84 0.08 -13.44
CA ASP D 67 -21.62 0.87 -12.49
C ASP D 67 -21.82 2.27 -13.09
N PHE D 68 -22.96 2.51 -13.74
CA PHE D 68 -23.24 3.82 -14.30
C PHE D 68 -24.20 4.64 -13.44
N THR D 69 -24.54 4.17 -12.23
CA THR D 69 -25.44 4.93 -11.37
C THR D 69 -24.73 5.57 -10.18
N ARG D 70 -23.87 4.83 -9.48
CA ARG D 70 -23.11 5.39 -8.38
C ARG D 70 -21.68 5.72 -8.79
N HIS D 71 -21.21 5.13 -9.91
CA HIS D 71 -19.90 5.45 -10.47
C HIS D 71 -18.77 5.14 -9.48
N ASN D 72 -18.97 4.19 -8.57
CA ASN D 72 -17.92 3.87 -7.61
C ASN D 72 -17.84 2.39 -7.26
N GLY D 73 -18.47 1.52 -8.04
CA GLY D 73 -18.40 0.08 -7.80
C GLY D 73 -19.53 -0.46 -6.95
N THR D 74 -20.42 0.39 -6.46
CA THR D 74 -21.48 -0.09 -5.58
C THR D 74 -22.83 -0.12 -6.26
N GLY D 75 -22.95 0.46 -7.45
CA GLY D 75 -24.23 0.72 -8.05
C GLY D 75 -24.51 -0.15 -9.26
N GLY D 76 -25.55 0.23 -9.95
CA GLY D 76 -25.94 -0.45 -11.17
C GLY D 76 -27.43 -0.63 -11.20
N LYS D 77 -27.95 -0.86 -12.40
CA LYS D 77 -29.37 -1.08 -12.56
C LYS D 77 -29.57 -1.77 -13.88
N SER D 78 -30.56 -2.64 -13.91
CA SER D 78 -30.89 -3.34 -15.14
C SER D 78 -32.02 -2.64 -15.88
N ILE D 79 -32.30 -3.15 -17.08
CA ILE D 79 -33.45 -2.67 -17.83
C ILE D 79 -34.77 -3.16 -17.26
N TYR D 80 -34.72 -4.07 -16.28
CA TYR D 80 -35.87 -4.66 -15.63
C TYR D 80 -36.14 -4.05 -14.26
N GLY D 81 -35.36 -3.09 -13.85
CA GLY D 81 -35.43 -2.57 -12.50
C GLY D 81 -34.07 -2.66 -11.87
N GLU D 82 -34.02 -2.36 -10.56
CA GLU D 82 -32.71 -2.29 -9.92
C GLU D 82 -31.98 -3.62 -9.98
N LYS D 83 -32.70 -4.73 -9.82
CA LYS D 83 -32.11 -6.06 -9.85
C LYS D 83 -33.02 -7.06 -10.55
N PHE D 84 -32.41 -8.16 -11.02
CA PHE D 84 -33.20 -9.26 -11.57
C PHE D 84 -32.55 -10.60 -11.19
N GLU D 85 -33.38 -11.65 -11.29
CA GLU D 85 -33.00 -12.97 -10.78
C GLU D 85 -31.93 -13.63 -11.65
N ASP D 86 -31.18 -14.54 -11.03
CA ASP D 86 -30.27 -15.40 -11.76
C ASP D 86 -31.05 -16.25 -12.77
N GLU D 87 -30.79 -16.03 -14.06
CA GLU D 87 -31.64 -16.62 -15.09
C GLU D 87 -31.38 -18.12 -15.24
N ASN D 88 -30.12 -18.50 -15.35
CA ASN D 88 -29.77 -19.91 -15.36
C ASN D 88 -28.26 -20.00 -15.17
N PHE D 89 -27.78 -21.22 -14.96
CA PHE D 89 -26.35 -21.45 -14.82
C PHE D 89 -25.88 -22.46 -15.85
N ILE D 90 -26.46 -22.37 -17.05
CA ILE D 90 -26.15 -23.31 -18.12
C ILE D 90 -24.68 -23.23 -18.51
N LEU D 91 -24.15 -22.02 -18.61
CA LEU D 91 -22.78 -21.82 -19.06
C LEU D 91 -21.85 -21.59 -17.88
N LYS D 92 -20.60 -22.00 -18.06
CA LYS D 92 -19.64 -21.99 -16.97
C LYS D 92 -18.49 -21.03 -17.30
N HIS D 93 -17.65 -20.77 -16.29
CA HIS D 93 -16.55 -19.81 -16.44
C HIS D 93 -15.31 -20.56 -16.91
N THR D 94 -15.27 -20.83 -18.21
CA THR D 94 -14.34 -21.83 -18.72
C THR D 94 -12.97 -21.29 -19.13
N GLY D 95 -12.75 -19.98 -19.10
CA GLY D 95 -11.46 -19.43 -19.51
C GLY D 95 -11.50 -17.96 -19.86
N PRO D 96 -10.39 -17.41 -20.37
CA PRO D 96 -10.35 -15.97 -20.72
C PRO D 96 -11.45 -15.62 -21.71
N GLY D 97 -11.99 -14.42 -21.54
CA GLY D 97 -12.95 -13.89 -22.49
C GLY D 97 -14.40 -14.09 -22.08
N ILE D 98 -14.66 -14.98 -21.10
CA ILE D 98 -16.02 -15.20 -20.64
C ILE D 98 -16.56 -13.91 -20.02
N LEU D 99 -17.80 -13.58 -20.40
CA LEU D 99 -18.51 -12.40 -19.93
C LEU D 99 -19.62 -12.87 -19.00
N SER D 100 -19.61 -12.36 -17.76
CA SER D 100 -20.49 -12.89 -16.72
C SER D 100 -20.98 -11.76 -15.82
N MET D 101 -22.11 -11.99 -15.14
CA MET D 101 -22.70 -10.92 -14.32
C MET D 101 -22.05 -10.86 -12.95
N ALA D 102 -21.71 -9.64 -12.53
CA ALA D 102 -21.32 -9.44 -11.15
C ALA D 102 -22.57 -9.39 -10.27
N ASN D 103 -22.41 -9.66 -8.98
CA ASN D 103 -23.60 -9.60 -8.13
C ASN D 103 -23.19 -9.46 -6.67
N ALA D 104 -24.20 -9.27 -5.82
CA ALA D 104 -24.03 -9.16 -4.39
C ALA D 104 -24.70 -10.32 -3.67
N GLY D 105 -24.66 -11.50 -4.27
CA GLY D 105 -25.40 -12.65 -3.78
C GLY D 105 -26.51 -13.06 -4.72
N PRO D 106 -27.30 -14.04 -4.32
CA PRO D 106 -28.33 -14.59 -5.21
C PRO D 106 -29.32 -13.54 -5.68
N ASN D 107 -29.62 -13.58 -6.99
CA ASN D 107 -30.72 -12.82 -7.57
C ASN D 107 -30.55 -11.32 -7.39
N THR D 108 -29.34 -10.83 -7.62
CA THR D 108 -29.06 -9.40 -7.49
C THR D 108 -28.35 -8.87 -8.74
N ASN D 109 -28.64 -9.42 -9.90
CA ASN D 109 -28.04 -8.91 -11.13
C ASN D 109 -28.55 -7.51 -11.42
N GLY D 110 -27.65 -6.63 -11.84
CA GLY D 110 -28.04 -5.27 -12.20
C GLY D 110 -27.43 -4.91 -13.53
N SER D 111 -26.34 -4.15 -13.50
CA SER D 111 -25.57 -3.88 -14.70
C SER D 111 -24.10 -4.26 -14.60
N GLN D 112 -23.54 -4.40 -13.41
CA GLN D 112 -22.13 -4.73 -13.33
C GLN D 112 -21.87 -6.13 -13.87
N PHE D 113 -20.72 -6.26 -14.52
CA PHE D 113 -20.32 -7.46 -15.22
C PHE D 113 -18.81 -7.59 -15.06
N PHE D 114 -18.30 -8.76 -15.44
CA PHE D 114 -16.85 -8.93 -15.50
C PHE D 114 -16.50 -9.79 -16.71
N ILE D 115 -15.29 -9.53 -17.20
CA ILE D 115 -14.66 -10.27 -18.28
C ILE D 115 -13.53 -11.06 -17.68
N CYS D 116 -13.61 -12.40 -17.77
CA CYS D 116 -12.56 -13.24 -17.21
C CYS D 116 -11.29 -13.11 -18.04
N THR D 117 -10.15 -13.12 -17.36
CA THR D 117 -8.88 -13.24 -18.06
C THR D 117 -8.21 -14.58 -17.77
N ALA D 118 -8.91 -15.46 -17.06
CA ALA D 118 -8.50 -16.82 -16.77
C ALA D 118 -9.75 -17.62 -16.44
N LYS D 119 -9.61 -18.93 -16.35
CA LYS D 119 -10.69 -19.79 -15.88
C LYS D 119 -11.00 -19.44 -14.44
N THR D 120 -12.29 -19.22 -14.12
CA THR D 120 -12.70 -18.91 -12.75
C THR D 120 -13.83 -19.86 -12.34
N GLU D 121 -13.54 -21.15 -12.29
CA GLU D 121 -14.61 -22.14 -12.12
C GLU D 121 -15.28 -22.07 -10.75
N TRP D 122 -14.63 -21.47 -9.75
CA TRP D 122 -15.28 -21.34 -8.44
C TRP D 122 -16.49 -20.41 -8.48
N LEU D 123 -16.66 -19.64 -9.56
CA LEU D 123 -17.84 -18.78 -9.70
C LEU D 123 -19.00 -19.48 -10.39
N ASP D 124 -18.76 -20.70 -10.90
CA ASP D 124 -19.83 -21.44 -11.57
C ASP D 124 -20.99 -21.66 -10.60
N GLY D 125 -22.20 -21.44 -11.08
CA GLY D 125 -23.36 -21.65 -10.25
C GLY D 125 -23.70 -20.49 -9.35
N LYS D 126 -22.87 -19.46 -9.32
CA LYS D 126 -23.07 -18.26 -8.52
C LYS D 126 -23.18 -16.99 -9.34
N HIS D 127 -22.55 -16.94 -10.49
CA HIS D 127 -22.58 -15.81 -11.40
C HIS D 127 -23.08 -16.30 -12.75
N VAL D 128 -24.00 -15.57 -13.37
CA VAL D 128 -24.62 -15.98 -14.64
C VAL D 128 -23.72 -15.58 -15.81
N VAL D 129 -23.20 -16.58 -16.50
CA VAL D 129 -22.40 -16.40 -17.73
C VAL D 129 -23.35 -16.17 -18.89
N PHE D 130 -23.10 -15.15 -19.70
CA PHE D 130 -24.03 -14.82 -20.79
C PHE D 130 -23.37 -14.35 -22.08
N GLY D 131 -22.05 -14.35 -22.17
CA GLY D 131 -21.41 -13.94 -23.41
C GLY D 131 -19.94 -14.26 -23.40
N LYS D 132 -19.27 -13.86 -24.48
CA LYS D 132 -17.83 -14.03 -24.56
C LYS D 132 -17.27 -12.95 -25.49
N VAL D 133 -16.02 -12.58 -25.22
CA VAL D 133 -15.29 -11.71 -26.16
C VAL D 133 -15.19 -12.39 -27.51
N LYS D 134 -15.56 -11.64 -28.55
CA LYS D 134 -15.44 -12.08 -29.93
C LYS D 134 -14.13 -11.56 -30.53
N GLU D 135 -13.98 -10.24 -30.61
CA GLU D 135 -12.74 -9.66 -31.05
C GLU D 135 -12.20 -8.75 -29.96
N GLY D 136 -10.87 -8.56 -29.97
CA GLY D 136 -10.23 -7.65 -29.07
C GLY D 136 -9.81 -8.22 -27.74
N MET D 137 -9.56 -9.53 -27.65
CA MET D 137 -9.03 -10.04 -26.40
C MET D 137 -7.67 -9.40 -26.10
N ASN D 138 -6.91 -9.02 -27.12
CA ASN D 138 -5.68 -8.30 -26.82
C ASN D 138 -5.95 -6.97 -26.12
N ILE D 139 -7.10 -6.34 -26.38
CA ILE D 139 -7.41 -5.10 -25.68
C ILE D 139 -7.75 -5.38 -24.22
N VAL D 140 -8.45 -6.48 -23.96
CA VAL D 140 -8.72 -6.90 -22.59
C VAL D 140 -7.42 -7.22 -21.87
N GLU D 141 -6.49 -7.92 -22.54
CA GLU D 141 -5.19 -8.18 -21.92
C GLU D 141 -4.46 -6.88 -21.61
N ALA D 142 -4.62 -5.87 -22.49
CA ALA D 142 -4.00 -4.57 -22.24
C ALA D 142 -4.64 -3.87 -21.05
N MET D 143 -5.96 -3.96 -20.91
CA MET D 143 -6.63 -3.37 -19.76
C MET D 143 -6.16 -4.02 -18.48
N GLU D 144 -6.02 -5.34 -18.51
CA GLU D 144 -5.66 -6.09 -17.32
C GLU D 144 -4.38 -5.59 -16.70
N ARG D 145 -3.47 -5.09 -17.55
CA ARG D 145 -2.17 -4.61 -17.08
C ARG D 145 -2.26 -3.33 -16.27
N PHE D 146 -3.37 -2.58 -16.37
CA PHE D 146 -3.57 -1.41 -15.52
C PHE D 146 -4.15 -1.74 -14.16
N GLY D 147 -4.44 -3.00 -13.88
CA GLY D 147 -5.00 -3.39 -12.59
C GLY D 147 -3.93 -3.65 -11.56
N SER D 148 -4.39 -4.14 -10.40
CA SER D 148 -3.52 -4.46 -9.29
C SER D 148 -4.19 -5.53 -8.43
N ARG D 149 -3.43 -5.98 -7.43
CA ARG D 149 -3.90 -7.08 -6.60
C ARG D 149 -5.22 -6.75 -5.86
N ASN D 150 -5.43 -5.49 -5.48
CA ASN D 150 -6.66 -5.12 -4.80
C ASN D 150 -7.68 -4.50 -5.74
N GLY D 151 -7.45 -4.60 -7.05
CA GLY D 151 -8.41 -4.14 -8.04
C GLY D 151 -8.26 -2.69 -8.46
N LYS D 152 -7.53 -1.87 -7.71
CA LYS D 152 -7.41 -0.47 -8.08
C LYS D 152 -6.61 -0.33 -9.36
N THR D 153 -7.07 0.53 -10.25
CA THR D 153 -6.37 0.70 -11.52
C THR D 153 -5.43 1.91 -11.46
N SER D 154 -4.31 1.80 -12.17
CA SER D 154 -3.32 2.87 -12.14
C SER D 154 -3.67 4.02 -13.07
N LYS D 155 -4.59 3.77 -14.00
CA LYS D 155 -5.15 4.81 -14.86
C LYS D 155 -6.62 4.48 -15.03
N LYS D 156 -7.41 5.49 -15.37
CA LYS D 156 -8.86 5.29 -15.40
C LYS D 156 -9.28 4.67 -16.73
N ILE D 157 -9.87 3.48 -16.63
CA ILE D 157 -10.27 2.68 -17.79
C ILE D 157 -11.78 2.82 -17.98
N THR D 158 -12.19 3.37 -19.11
CA THR D 158 -13.59 3.66 -19.35
C THR D 158 -14.09 3.10 -20.66
N ILE D 159 -15.41 3.02 -20.74
CA ILE D 159 -16.11 2.66 -21.97
C ILE D 159 -16.42 3.97 -22.67
N ALA D 160 -15.54 4.37 -23.58
CA ALA D 160 -15.71 5.67 -24.21
C ALA D 160 -16.89 5.69 -25.18
N ASP D 161 -17.14 4.56 -25.85
CA ASP D 161 -18.30 4.40 -26.71
C ASP D 161 -18.71 2.94 -26.65
N CYS D 162 -19.94 2.66 -27.05
CA CYS D 162 -20.43 1.30 -27.07
C CYS D 162 -21.71 1.27 -27.90
N GLY D 163 -22.06 0.07 -28.35
CA GLY D 163 -23.24 -0.07 -29.19
C GLY D 163 -23.32 -1.47 -29.74
N GLN D 164 -24.24 -1.66 -30.69
CA GLN D 164 -24.49 -2.96 -31.29
C GLN D 164 -24.00 -2.99 -32.73
N LEU D 165 -23.35 -4.09 -33.11
CA LEU D 165 -22.84 -4.29 -34.46
C LEU D 165 -23.87 -5.01 -35.31
N GLU D 166 -23.98 -4.56 -36.56
CA GLU D 166 -24.90 -5.10 -37.55
C GLU D 166 -24.59 -6.55 -37.90
#